data_6VQY
#
_entry.id   6VQY
#
_cell.length_a   45.350
_cell.length_b   129.860
_cell.length_c   90.264
_cell.angle_alpha   90.000
_cell.angle_beta   104.380
_cell.angle_gamma   90.000
#
_symmetry.space_group_name_H-M   'P 1 21 1'
#
loop_
_entity.id
_entity.type
_entity.pdbx_description
1 polymer 'MHC class I antigen'
2 polymer Beta-2-microglobulin
3 polymer '7-mer peptide'
4 non-polymer ARGININE
5 non-polymer GLYCEROL
6 water water
#
loop_
_entity_poly.entity_id
_entity_poly.type
_entity_poly.pdbx_seq_one_letter_code
_entity_poly.pdbx_strand_id
1 'polypeptide(L)'
;GSHSMRYFHTSVSRPGRGEPRFITVGYVDDTLFVRFDSDAASPREEPRAPWIEQEGPEYWDRETQICKAKAQTDREDLRT
LLRYYNQSEAGSHTLQNMYGCDVGPDGRLLRGYHQDAYDGKDYIALNEDLSSWTAADTAAQITQRKWEAARVAEQLRAYL
EGECVEWLRRYLENGKETLQRADPPKTHVTHHPISDHEATLRCWALGFYPAEITLTWQRDGEDQTQDTELVETRPAGDRT
FQKWAAVVVPSGEEQRYTCHVQHEGLPKPLTLRWEP
;
A,C
2 'polypeptide(L)'
;IQRTPKIQVYSRHPAENGKSNFLNCYVSGFHPSDIEVDLLKNGERIEKVEHSDLSFSKDWSFYLLYYTEFTPTEKDEYAC
RVNHVTLSQPKIVKWDRDM
;
B,D
3 'polypeptide(L)' KRWIILG G,F
#
# COMPACT_ATOMS: atom_id res chain seq x y z
N GLY A 1 8.75 23.13 -31.97
CA GLY A 1 9.54 22.03 -32.50
C GLY A 1 8.71 20.81 -32.83
N SER A 2 9.38 19.69 -33.06
CA SER A 2 8.70 18.44 -33.34
C SER A 2 8.06 17.90 -32.07
N HIS A 3 6.92 17.23 -32.23
CA HIS A 3 6.16 16.72 -31.10
C HIS A 3 5.61 15.35 -31.42
N SER A 4 5.32 14.59 -30.37
CA SER A 4 4.96 13.18 -30.48
C SER A 4 3.61 12.94 -29.82
N MET A 5 2.85 11.98 -30.38
CA MET A 5 1.69 11.42 -29.69
C MET A 5 1.72 9.92 -29.89
N ARG A 6 1.69 9.18 -28.78
CA ARG A 6 1.82 7.74 -28.80
C ARG A 6 0.82 7.11 -27.85
N TYR A 7 0.36 5.91 -28.22
CA TYR A 7 -0.45 5.07 -27.36
C TYR A 7 0.24 3.72 -27.23
N PHE A 8 0.47 3.30 -25.99
CA PHE A 8 1.05 2.01 -25.65
C PHE A 8 -0.02 1.15 -24.97
N HIS A 9 -0.07 -0.13 -25.32
CA HIS A 9 -1.02 -1.08 -24.77
C HIS A 9 -0.27 -2.37 -24.45
N THR A 10 -0.64 -2.99 -23.32
CA THR A 10 -0.03 -4.23 -22.88
C THR A 10 -1.12 -5.19 -22.42
N SER A 11 -1.14 -6.39 -23.00
CA SER A 11 -2.03 -7.45 -22.58
C SER A 11 -1.22 -8.66 -22.16
N VAL A 12 -1.55 -9.21 -21.00
CA VAL A 12 -0.81 -10.32 -20.41
C VAL A 12 -1.80 -11.40 -19.99
N SER A 13 -1.65 -12.60 -20.54
CA SER A 13 -2.51 -13.70 -20.12
C SER A 13 -2.18 -14.12 -18.69
N ARG A 14 -3.20 -14.57 -17.96
CA ARG A 14 -3.08 -14.99 -16.57
C ARG A 14 -3.66 -16.39 -16.43
N PRO A 15 -2.97 -17.40 -16.95
CA PRO A 15 -3.52 -18.77 -16.91
C PRO A 15 -3.81 -19.22 -15.49
N GLY A 16 -5.06 -19.62 -15.27
CA GLY A 16 -5.49 -20.09 -13.97
C GLY A 16 -6.22 -19.04 -13.16
N ARG A 17 -5.67 -17.84 -13.10
CA ARG A 17 -6.20 -16.79 -12.24
C ARG A 17 -7.23 -15.90 -12.90
N GLY A 18 -7.39 -15.97 -14.22
CA GLY A 18 -8.45 -15.22 -14.87
C GLY A 18 -8.12 -14.49 -16.15
N GLU A 19 -8.86 -13.42 -16.42
CA GLU A 19 -8.75 -12.71 -17.68
C GLU A 19 -7.37 -12.08 -17.83
N PRO A 20 -6.89 -11.89 -19.06
CA PRO A 20 -5.66 -11.13 -19.27
C PRO A 20 -5.74 -9.75 -18.64
N ARG A 21 -4.60 -9.29 -18.12
CA ARG A 21 -4.47 -7.91 -17.65
C ARG A 21 -4.15 -7.02 -18.85
N PHE A 22 -4.96 -5.98 -19.03
CA PHE A 22 -4.76 -5.02 -20.11
C PHE A 22 -4.53 -3.65 -19.50
N ILE A 23 -3.43 -3.00 -19.89
CA ILE A 23 -3.05 -1.69 -19.36
C ILE A 23 -2.54 -0.86 -20.52
N THR A 24 -3.11 0.32 -20.72
CA THR A 24 -2.73 1.20 -21.82
C THR A 24 -2.54 2.62 -21.31
N VAL A 25 -1.57 3.31 -21.92
CA VAL A 25 -1.27 4.70 -21.58
C VAL A 25 -1.09 5.50 -22.85
N GLY A 26 -1.32 6.80 -22.74
CA GLY A 26 -1.08 7.73 -23.84
C GLY A 26 -0.08 8.79 -23.43
N TYR A 27 0.84 9.09 -24.33
CA TYR A 27 1.88 10.08 -24.10
C TYR A 27 1.85 11.14 -25.18
N VAL A 28 1.93 12.40 -24.76
CA VAL A 28 2.24 13.52 -25.64
C VAL A 28 3.66 13.96 -25.28
N ASP A 29 4.59 13.73 -26.20
CA ASP A 29 6.04 13.86 -25.95
C ASP A 29 6.37 12.95 -24.78
N ASP A 30 6.94 13.48 -23.68
CA ASP A 30 7.24 12.73 -22.47
C ASP A 30 6.25 13.03 -21.35
N THR A 31 5.05 13.50 -21.70
CA THR A 31 4.00 13.80 -20.74
C THR A 31 2.89 12.78 -20.88
N LEU A 32 2.70 11.95 -19.85
CA LEU A 32 1.58 11.03 -19.83
C LEU A 32 0.28 11.79 -19.62
N PHE A 33 -0.78 11.40 -20.37
CA PHE A 33 -2.04 12.11 -20.26
C PHE A 33 -3.29 11.24 -20.18
N VAL A 34 -3.24 9.98 -20.61
CA VAL A 34 -4.38 9.08 -20.42
C VAL A 34 -3.88 7.72 -19.94
N ARG A 35 -4.73 7.03 -19.18
CA ARG A 35 -4.43 5.72 -18.62
C ARG A 35 -5.68 4.86 -18.67
N PHE A 36 -5.49 3.55 -18.54
CA PHE A 36 -6.59 2.60 -18.45
C PHE A 36 -6.04 1.29 -17.93
N ASP A 37 -6.70 0.74 -16.91
CA ASP A 37 -6.33 -0.54 -16.32
C ASP A 37 -7.58 -1.39 -16.24
N SER A 38 -7.55 -2.54 -16.90
CA SER A 38 -8.71 -3.43 -16.92
C SER A 38 -9.03 -3.99 -15.53
N ASP A 39 -8.08 -3.94 -14.59
CA ASP A 39 -8.29 -4.47 -13.25
C ASP A 39 -9.06 -3.53 -12.34
N ALA A 40 -9.56 -2.41 -12.86
CA ALA A 40 -10.35 -1.50 -12.03
C ALA A 40 -11.75 -2.07 -11.82
N ALA A 41 -12.55 -1.39 -10.99
CA ALA A 41 -13.91 -1.80 -10.71
C ALA A 41 -14.73 -1.78 -12.00
N SER A 42 -15.06 -0.58 -12.47
CA SER A 42 -15.59 -0.38 -13.82
C SER A 42 -14.53 0.36 -14.61
N PRO A 43 -13.69 -0.33 -15.38
CA PRO A 43 -12.51 0.32 -15.96
C PRO A 43 -12.90 1.45 -16.88
N ARG A 44 -12.16 2.56 -16.76
CA ARG A 44 -12.49 3.78 -17.45
C ARG A 44 -11.22 4.58 -17.70
N GLU A 45 -11.13 5.20 -18.87
CA GLU A 45 -9.97 6.03 -19.15
C GLU A 45 -10.03 7.32 -18.31
N GLU A 46 -8.89 7.68 -17.73
CA GLU A 46 -8.82 8.79 -16.79
C GLU A 46 -7.74 9.78 -17.22
N PRO A 47 -7.94 11.07 -16.92
CA PRO A 47 -6.94 12.07 -17.30
C PRO A 47 -5.76 12.07 -16.34
N ARG A 48 -4.55 12.07 -16.90
CA ARG A 48 -3.33 12.16 -16.12
C ARG A 48 -2.55 13.44 -16.39
N ALA A 49 -3.07 14.33 -17.22
CA ALA A 49 -2.49 15.62 -17.50
C ALA A 49 -3.57 16.69 -17.37
N PRO A 50 -3.22 17.88 -16.88
CA PRO A 50 -4.24 18.90 -16.61
C PRO A 50 -4.98 19.36 -17.87
N TRP A 51 -4.27 19.46 -18.99
CA TRP A 51 -4.86 20.00 -20.21
C TRP A 51 -5.79 19.03 -20.92
N ILE A 52 -5.87 17.78 -20.47
CA ILE A 52 -6.78 16.82 -21.07
C ILE A 52 -8.08 16.65 -20.29
N GLU A 53 -8.12 17.12 -19.03
CA GLU A 53 -9.37 17.12 -18.27
C GLU A 53 -10.42 18.04 -18.88
N GLN A 54 -10.03 18.90 -19.85
CA GLN A 54 -11.00 19.77 -20.48
CA GLN A 54 -11.00 19.78 -20.49
C GLN A 54 -12.01 19.00 -21.31
N GLU A 55 -11.60 17.87 -21.89
CA GLU A 55 -12.46 17.12 -22.80
C GLU A 55 -13.79 16.72 -22.13
N GLY A 56 -14.83 16.64 -22.96
CA GLY A 56 -16.17 16.40 -22.47
C GLY A 56 -16.50 14.94 -22.28
N PRO A 57 -17.69 14.67 -21.73
CA PRO A 57 -18.07 13.28 -21.44
C PRO A 57 -18.06 12.36 -22.65
N GLU A 58 -18.45 12.86 -23.84
CA GLU A 58 -18.42 12.01 -25.02
C GLU A 58 -17.00 11.54 -25.35
N TYR A 59 -16.00 12.39 -25.08
CA TYR A 59 -14.62 12.01 -25.34
C TYR A 59 -14.21 10.84 -24.46
N TRP A 60 -14.33 10.99 -23.14
CA TRP A 60 -13.94 9.92 -22.23
C TRP A 60 -14.80 8.68 -22.44
N ASP A 61 -16.05 8.85 -22.86
CA ASP A 61 -16.91 7.70 -23.15
C ASP A 61 -16.37 6.91 -24.34
N ARG A 62 -16.08 7.60 -25.45
CA ARG A 62 -15.56 6.91 -26.62
C ARG A 62 -14.19 6.28 -26.32
N GLU A 63 -13.37 6.96 -25.53
CA GLU A 63 -12.06 6.40 -25.17
C GLU A 63 -12.22 5.15 -24.31
N THR A 64 -13.13 5.19 -23.33
CA THR A 64 -13.38 4.03 -22.49
C THR A 64 -13.84 2.83 -23.31
N GLN A 65 -14.78 3.06 -24.25
CA GLN A 65 -15.25 1.98 -25.11
C GLN A 65 -14.13 1.45 -26.01
N ILE A 66 -13.29 2.34 -26.53
CA ILE A 66 -12.18 1.89 -27.36
C ILE A 66 -11.22 1.01 -26.56
N CYS A 67 -10.97 1.37 -25.30
CA CYS A 67 -10.05 0.59 -24.49
C CYS A 67 -10.63 -0.76 -24.12
N LYS A 68 -11.93 -0.82 -23.79
CA LYS A 68 -12.55 -2.12 -23.53
C LYS A 68 -12.53 -3.00 -24.78
N ALA A 69 -12.82 -2.40 -25.94
CA ALA A 69 -12.77 -3.14 -27.20
C ALA A 69 -11.37 -3.64 -27.52
N LYS A 70 -10.36 -2.82 -27.20
CA LYS A 70 -8.97 -3.25 -27.42
C LYS A 70 -8.62 -4.40 -26.49
N ALA A 71 -9.14 -4.40 -25.26
CA ALA A 71 -8.92 -5.54 -24.38
C ALA A 71 -9.53 -6.81 -24.97
N GLN A 72 -10.75 -6.70 -25.51
CA GLN A 72 -11.40 -7.86 -26.14
C GLN A 72 -10.57 -8.38 -27.32
N THR A 73 -10.19 -7.48 -28.24
CA THR A 73 -9.39 -7.89 -29.38
C THR A 73 -8.04 -8.46 -28.94
N ASP A 74 -7.51 -8.01 -27.80
CA ASP A 74 -6.24 -8.55 -27.34
C ASP A 74 -6.40 -9.97 -26.82
N ARG A 75 -7.51 -10.26 -26.13
CA ARG A 75 -7.80 -11.66 -25.80
C ARG A 75 -7.88 -12.51 -27.06
N GLU A 76 -8.60 -12.02 -28.07
CA GLU A 76 -8.72 -12.74 -29.34
C GLU A 76 -7.33 -13.03 -29.94
N ASP A 77 -6.50 -11.99 -30.01
CA ASP A 77 -5.17 -12.13 -30.61
C ASP A 77 -4.26 -13.05 -29.79
N LEU A 78 -4.42 -13.04 -28.46
CA LEU A 78 -3.62 -13.95 -27.62
C LEU A 78 -3.98 -15.40 -27.91
N ARG A 79 -5.27 -15.71 -28.00
CA ARG A 79 -5.66 -17.07 -28.36
C ARG A 79 -5.13 -17.45 -29.75
N THR A 80 -5.25 -16.53 -30.70
CA THR A 80 -4.78 -16.83 -32.06
C THR A 80 -3.28 -17.07 -32.10
N LEU A 81 -2.51 -16.26 -31.37
CA LEU A 81 -1.06 -16.45 -31.33
C LEU A 81 -0.68 -17.73 -30.61
N LEU A 82 -1.49 -18.13 -29.62
CA LEU A 82 -1.31 -19.45 -29.01
C LEU A 82 -1.40 -20.55 -30.06
N ARG A 83 -2.41 -20.47 -30.94
CA ARG A 83 -2.58 -21.53 -31.93
C ARG A 83 -1.62 -21.39 -33.11
N TYR A 84 -1.11 -20.18 -33.37
CA TYR A 84 -0.11 -19.99 -34.42
C TYR A 84 1.18 -20.72 -34.10
N TYR A 85 1.67 -20.56 -32.89
CA TYR A 85 2.96 -21.10 -32.47
C TYR A 85 2.85 -22.46 -31.81
N ASN A 86 1.66 -23.05 -31.78
CA ASN A 86 1.42 -24.35 -31.13
C ASN A 86 1.94 -24.33 -29.69
N GLN A 87 1.50 -23.32 -28.94
CA GLN A 87 1.94 -23.13 -27.57
C GLN A 87 0.88 -23.64 -26.59
N SER A 88 1.29 -23.71 -25.32
CA SER A 88 0.47 -24.31 -24.28
C SER A 88 -0.37 -23.26 -23.58
N GLU A 89 -1.66 -23.53 -23.45
CA GLU A 89 -2.57 -22.60 -22.78
C GLU A 89 -2.23 -22.38 -21.31
N ALA A 90 -1.28 -23.14 -20.77
CA ALA A 90 -0.84 -22.99 -19.39
C ALA A 90 0.30 -21.99 -19.24
N GLY A 91 0.82 -21.44 -20.34
CA GLY A 91 1.89 -20.46 -20.28
C GLY A 91 1.37 -19.05 -20.48
N SER A 92 1.99 -18.10 -19.79
CA SER A 92 1.61 -16.69 -19.87
C SER A 92 2.38 -16.01 -21.00
N HIS A 93 1.67 -15.17 -21.75
CA HIS A 93 2.26 -14.50 -22.90
C HIS A 93 1.87 -13.03 -22.91
N THR A 94 2.70 -12.23 -23.57
CA THR A 94 2.56 -10.77 -23.57
C THR A 94 2.37 -10.27 -24.99
N LEU A 95 1.42 -9.35 -25.15
CA LEU A 95 1.18 -8.65 -26.40
C LEU A 95 1.32 -7.15 -26.13
N GLN A 96 2.13 -6.48 -26.94
CA GLN A 96 2.39 -5.05 -26.74
C GLN A 96 2.17 -4.31 -28.04
N ASN A 97 1.34 -3.27 -27.99
CA ASN A 97 1.07 -2.48 -29.19
C ASN A 97 1.43 -1.02 -28.94
N MET A 98 2.03 -0.38 -29.93
CA MET A 98 2.23 1.06 -29.90
C MET A 98 1.75 1.63 -31.22
N TYR A 99 1.18 2.83 -31.18
CA TYR A 99 0.94 3.55 -32.42
C TYR A 99 0.93 5.03 -32.15
N GLY A 100 1.13 5.81 -33.22
CA GLY A 100 1.08 7.25 -33.05
C GLY A 100 1.68 8.02 -34.20
N CYS A 101 2.07 9.25 -33.91
CA CYS A 101 2.46 10.19 -34.96
C CYS A 101 3.44 11.23 -34.41
N ASP A 102 4.35 11.65 -35.29
CA ASP A 102 5.27 12.76 -35.03
C ASP A 102 4.95 13.90 -35.98
N VAL A 103 4.77 15.11 -35.43
CA VAL A 103 4.53 16.29 -36.24
C VAL A 103 5.66 17.28 -36.04
N GLY A 104 5.79 18.20 -36.99
CA GLY A 104 6.90 19.12 -37.01
C GLY A 104 6.53 20.48 -36.47
N PRO A 105 7.44 21.44 -36.59
CA PRO A 105 7.11 22.81 -36.17
C PRO A 105 5.89 23.37 -36.88
N ASP A 106 5.72 23.05 -38.16
CA ASP A 106 4.57 23.47 -38.93
C ASP A 106 3.33 22.62 -38.65
N GLY A 107 3.40 21.69 -37.70
CA GLY A 107 2.28 20.82 -37.41
C GLY A 107 2.00 19.76 -38.45
N ARG A 108 2.88 19.63 -39.45
CA ARG A 108 2.71 18.66 -40.52
C ARG A 108 3.33 17.32 -40.12
N LEU A 109 2.71 16.23 -40.57
CA LEU A 109 3.12 14.90 -40.17
C LEU A 109 4.45 14.52 -40.82
N LEU A 110 5.38 13.99 -40.02
CA LEU A 110 6.64 13.43 -40.52
C LEU A 110 6.64 11.91 -40.57
N ARG A 111 6.10 11.26 -39.54
CA ARG A 111 6.05 9.80 -39.54
C ARG A 111 4.88 9.33 -38.69
N GLY A 112 4.22 8.27 -39.16
CA GLY A 112 3.24 7.55 -38.38
C GLY A 112 3.79 6.18 -38.02
N TYR A 113 3.33 5.65 -36.89
CA TYR A 113 3.85 4.40 -36.35
C TYR A 113 2.71 3.48 -35.93
N HIS A 114 2.94 2.18 -36.11
CA HIS A 114 2.07 1.14 -35.55
C HIS A 114 2.87 -0.15 -35.47
N GLN A 115 3.17 -0.59 -34.26
CA GLN A 115 4.00 -1.78 -34.04
C GLN A 115 3.33 -2.70 -33.03
N ASP A 116 3.54 -4.01 -33.23
CA ASP A 116 3.03 -5.04 -32.35
C ASP A 116 4.14 -6.03 -32.04
N ALA A 117 4.23 -6.40 -30.76
CA ALA A 117 5.23 -7.32 -30.24
C ALA A 117 4.56 -8.45 -29.49
N TYR A 118 5.11 -9.66 -29.67
CA TYR A 118 4.69 -10.84 -28.94
C TYR A 118 5.84 -11.30 -28.05
N ASP A 119 5.55 -11.51 -26.77
CA ASP A 119 6.52 -12.01 -25.79
C ASP A 119 7.82 -11.20 -25.82
N GLY A 120 7.69 -9.89 -26.00
CA GLY A 120 8.81 -8.97 -25.92
C GLY A 120 9.64 -8.82 -27.18
N LYS A 121 9.29 -9.48 -28.27
CA LYS A 121 10.02 -9.36 -29.52
C LYS A 121 9.09 -8.81 -30.59
N ASP A 122 9.69 -8.12 -31.57
CA ASP A 122 8.92 -7.56 -32.68
C ASP A 122 8.07 -8.63 -33.33
N TYR A 123 6.79 -8.31 -33.55
CA TYR A 123 5.89 -9.19 -34.28
C TYR A 123 5.55 -8.62 -35.65
N ILE A 124 4.98 -7.42 -35.73
CA ILE A 124 4.68 -6.84 -37.05
C ILE A 124 4.60 -5.33 -36.91
N ALA A 125 5.14 -4.63 -37.92
CA ALA A 125 5.29 -3.19 -37.87
C ALA A 125 4.86 -2.55 -39.18
N LEU A 126 4.11 -1.46 -39.10
CA LEU A 126 3.71 -0.72 -40.30
C LEU A 126 4.90 0.08 -40.82
N ASN A 127 5.25 -0.14 -42.09
CA ASN A 127 6.37 0.56 -42.68
C ASN A 127 6.09 2.06 -42.75
N GLU A 128 7.15 2.83 -43.01
CA GLU A 128 7.05 4.29 -43.01
C GLU A 128 6.18 4.83 -44.14
N ASP A 129 6.06 4.09 -45.26
CA ASP A 129 5.19 4.52 -46.34
C ASP A 129 3.72 4.43 -45.98
N LEU A 130 3.38 3.91 -44.80
CA LEU A 130 2.01 3.70 -44.36
C LEU A 130 1.22 2.79 -45.30
N SER A 131 1.94 2.01 -46.13
CA SER A 131 1.31 1.16 -47.13
C SER A 131 1.75 -0.30 -47.05
N SER A 132 2.77 -0.63 -46.27
CA SER A 132 3.31 -1.98 -46.23
C SER A 132 3.61 -2.38 -44.79
N TRP A 133 3.83 -3.67 -44.58
CA TRP A 133 4.11 -4.23 -43.27
C TRP A 133 5.46 -4.95 -43.29
N THR A 134 6.18 -4.86 -42.18
CA THR A 134 7.34 -5.68 -41.90
C THR A 134 6.92 -6.76 -40.92
N ALA A 135 7.03 -8.02 -41.34
CA ALA A 135 6.67 -9.16 -40.53
C ALA A 135 7.94 -9.85 -40.03
N ALA A 136 7.94 -10.23 -38.76
CA ALA A 136 9.15 -10.78 -38.15
C ALA A 136 9.29 -12.27 -38.41
N ASP A 137 8.20 -12.98 -38.62
CA ASP A 137 8.25 -14.42 -38.85
C ASP A 137 7.03 -14.84 -39.68
N THR A 138 6.98 -16.13 -40.01
CA THR A 138 5.90 -16.61 -40.88
C THR A 138 4.53 -16.47 -40.24
N ALA A 139 4.45 -16.52 -38.91
CA ALA A 139 3.18 -16.24 -38.25
C ALA A 139 2.77 -14.79 -38.46
N ALA A 140 3.72 -13.87 -38.32
CA ALA A 140 3.48 -12.48 -38.65
C ALA A 140 3.16 -12.29 -40.13
N GLN A 141 3.63 -13.19 -40.99
CA GLN A 141 3.25 -13.09 -42.40
C GLN A 141 1.84 -13.60 -42.65
N ILE A 142 1.40 -14.62 -41.90
CA ILE A 142 -0.02 -14.96 -41.86
C ILE A 142 -0.85 -13.74 -41.50
N THR A 143 -0.52 -13.12 -40.35
CA THR A 143 -1.21 -11.91 -39.94
C THR A 143 -1.12 -10.82 -41.01
N GLN A 144 0.01 -10.73 -41.70
CA GLN A 144 0.20 -9.68 -42.70
C GLN A 144 -0.72 -9.89 -43.88
N ARG A 145 -0.92 -11.08 -44.30
CA ARG A 145 -1.75 -11.40 -45.39
C ARG A 145 -3.19 -11.24 -45.03
N LYS A 146 -3.56 -11.52 -43.79
CA LYS A 146 -4.92 -11.27 -43.31
C LYS A 146 -5.20 -9.77 -43.15
N TRP A 147 -4.19 -8.99 -42.79
CA TRP A 147 -4.35 -7.54 -42.62
C TRP A 147 -4.30 -6.80 -43.95
N GLU A 148 -3.60 -7.36 -44.94
CA GLU A 148 -3.65 -6.81 -46.28
C GLU A 148 -5.02 -7.08 -46.92
N ALA A 149 -5.62 -8.22 -46.59
CA ALA A 149 -6.98 -8.47 -47.03
C ALA A 149 -7.98 -7.47 -46.43
N ALA A 150 -7.67 -6.92 -45.26
CA ALA A 150 -8.59 -6.03 -44.55
C ALA A 150 -8.18 -4.56 -44.63
N ARG A 151 -7.15 -4.23 -45.41
CA ARG A 151 -6.71 -2.84 -45.60
C ARG A 151 -6.48 -2.12 -44.27
N VAL A 152 -5.86 -2.84 -43.31
CA VAL A 152 -5.59 -2.24 -42.02
C VAL A 152 -4.60 -1.08 -42.16
N ALA A 153 -3.67 -1.18 -43.10
CA ALA A 153 -2.76 -0.06 -43.37
C ALA A 153 -3.52 1.16 -43.88
N GLU A 154 -4.58 0.96 -44.66
CA GLU A 154 -5.35 2.10 -45.15
C GLU A 154 -6.13 2.78 -44.01
N GLN A 155 -6.76 1.98 -43.14
CA GLN A 155 -7.41 2.57 -41.97
C GLN A 155 -6.40 3.34 -41.14
N LEU A 156 -5.23 2.74 -40.89
CA LEU A 156 -4.21 3.39 -40.08
C LEU A 156 -3.72 4.67 -40.73
N ARG A 157 -3.55 4.69 -42.05
CA ARG A 157 -3.08 5.90 -42.71
C ARG A 157 -4.14 6.99 -42.71
N ALA A 158 -5.42 6.61 -42.89
CA ALA A 158 -6.48 7.60 -42.74
C ALA A 158 -6.48 8.20 -41.34
N TYR A 159 -6.18 7.38 -40.33
CA TYR A 159 -6.17 7.89 -38.96
C TYR A 159 -4.95 8.77 -38.69
N LEU A 160 -3.79 8.39 -39.22
CA LEU A 160 -2.53 9.05 -38.85
C LEU A 160 -2.40 10.42 -39.50
N GLU A 161 -2.66 10.51 -40.81
CA GLU A 161 -2.65 11.81 -41.46
C GLU A 161 -3.86 12.66 -41.07
N GLY A 162 -4.89 12.05 -40.50
CA GLY A 162 -6.09 12.79 -40.15
C GLY A 162 -6.24 13.04 -38.67
N GLU A 163 -6.83 12.09 -37.95
CA GLU A 163 -7.20 12.34 -36.56
C GLU A 163 -5.98 12.49 -35.65
N CYS A 164 -4.90 11.75 -35.92
CA CYS A 164 -3.72 11.81 -35.06
C CYS A 164 -3.12 13.22 -35.02
N VAL A 165 -2.80 13.75 -36.20
CA VAL A 165 -2.17 15.07 -36.27
C VAL A 165 -3.10 16.16 -35.75
N GLU A 166 -4.38 16.09 -36.15
CA GLU A 166 -5.35 17.09 -35.70
C GLU A 166 -5.44 17.11 -34.18
N TRP A 167 -5.68 15.95 -33.55
CA TRP A 167 -5.86 15.93 -32.12
C TRP A 167 -4.56 16.14 -31.35
N LEU A 168 -3.41 15.83 -31.96
CA LEU A 168 -2.13 16.16 -31.32
C LEU A 168 -1.93 17.67 -31.29
N ARG A 169 -2.19 18.36 -32.40
CA ARG A 169 -2.11 19.81 -32.39
C ARG A 169 -3.14 20.41 -31.42
N ARG A 170 -4.31 19.79 -31.31
CA ARG A 170 -5.30 20.24 -30.33
C ARG A 170 -4.77 20.15 -28.91
N TYR A 171 -4.25 18.97 -28.54
CA TYR A 171 -3.67 18.79 -27.22
C TYR A 171 -2.54 19.78 -26.98
N LEU A 172 -1.72 20.04 -28.00
CA LEU A 172 -0.60 20.96 -27.85
C LEU A 172 -1.08 22.38 -27.56
N GLU A 173 -2.05 22.85 -28.33
CA GLU A 173 -2.62 24.17 -28.06
C GLU A 173 -3.21 24.24 -26.66
N ASN A 174 -3.95 23.20 -26.27
CA ASN A 174 -4.66 23.22 -24.99
C ASN A 174 -3.71 23.45 -23.82
N GLY A 175 -2.61 22.72 -23.77
CA GLY A 175 -1.64 22.90 -22.71
C GLY A 175 -0.28 23.33 -23.21
N LYS A 176 -0.23 24.46 -23.92
CA LYS A 176 1.04 24.93 -24.47
C LYS A 176 1.95 25.53 -23.40
N GLU A 177 1.38 26.02 -22.30
CA GLU A 177 2.20 26.59 -21.24
C GLU A 177 3.14 25.55 -20.64
N THR A 178 2.74 24.29 -20.65
CA THR A 178 3.56 23.20 -20.12
C THR A 178 4.25 22.41 -21.24
N LEU A 179 3.46 21.93 -22.21
CA LEU A 179 4.01 21.04 -23.23
C LEU A 179 5.05 21.74 -24.10
N GLN A 180 4.93 23.05 -24.27
CA GLN A 180 5.79 23.79 -25.19
C GLN A 180 6.86 24.61 -24.48
N ARG A 181 7.04 24.44 -23.18
CA ARG A 181 8.16 25.04 -22.46
C ARG A 181 9.21 23.99 -22.21
N ALA A 182 10.47 24.31 -22.52
CA ALA A 182 11.59 23.40 -22.33
C ALA A 182 12.27 23.75 -21.02
N ASP A 183 12.08 22.91 -20.01
CA ASP A 183 12.63 23.16 -18.69
C ASP A 183 14.12 22.88 -18.68
N PRO A 184 14.95 23.92 -18.49
CA PRO A 184 16.40 23.68 -18.51
C PRO A 184 16.83 22.89 -17.30
N PRO A 185 17.93 22.13 -17.41
CA PRO A 185 18.38 21.32 -16.26
C PRO A 185 19.23 22.08 -15.26
N LYS A 186 18.84 22.02 -13.99
CA LYS A 186 19.72 22.40 -12.90
C LYS A 186 20.92 21.46 -12.88
N THR A 187 22.13 22.03 -12.98
CA THR A 187 23.34 21.22 -13.10
C THR A 187 24.31 21.58 -11.99
N HIS A 188 24.94 20.56 -11.40
CA HIS A 188 26.02 20.79 -10.45
C HIS A 188 26.95 19.57 -10.44
N VAL A 189 28.09 19.76 -9.78
CA VAL A 189 29.14 18.75 -9.71
C VAL A 189 29.40 18.44 -8.24
N THR A 190 29.33 17.16 -7.88
CA THR A 190 29.58 16.71 -6.53
C THR A 190 30.85 15.87 -6.49
N HIS A 191 31.49 15.86 -5.32
CA HIS A 191 32.77 15.20 -5.10
C HIS A 191 32.65 14.28 -3.91
N HIS A 192 33.00 13.00 -4.10
CA HIS A 192 32.87 11.99 -3.04
C HIS A 192 34.16 11.17 -2.96
N PRO A 193 34.99 11.39 -1.94
CA PRO A 193 36.22 10.60 -1.82
C PRO A 193 35.91 9.12 -1.55
N ILE A 194 36.60 8.24 -2.29
CA ILE A 194 36.40 6.81 -2.15
C ILE A 194 37.62 6.21 -1.46
N SER A 195 38.77 6.85 -1.63
CA SER A 195 40.00 6.42 -1.00
C SER A 195 40.89 7.65 -0.81
N ASP A 196 42.11 7.42 -0.33
CA ASP A 196 43.05 8.51 -0.14
C ASP A 196 43.63 9.02 -1.44
N HIS A 197 43.51 8.25 -2.52
CA HIS A 197 44.09 8.62 -3.81
C HIS A 197 43.07 8.70 -4.92
N GLU A 198 41.78 8.57 -4.59
CA GLU A 198 40.73 8.56 -5.60
C GLU A 198 39.46 9.18 -5.03
N ALA A 199 38.60 9.65 -5.93
CA ALA A 199 37.36 10.31 -5.56
C ALA A 199 36.46 10.38 -6.79
N THR A 200 35.16 10.24 -6.56
CA THR A 200 34.18 10.30 -7.63
C THR A 200 33.75 11.74 -7.87
N LEU A 201 33.73 12.13 -9.14
CA LEU A 201 33.07 13.35 -9.60
C LEU A 201 31.76 12.93 -10.24
N ARG A 202 30.65 13.43 -9.71
CA ARG A 202 29.32 13.13 -10.23
C ARG A 202 28.71 14.41 -10.78
N CYS A 203 28.28 14.36 -12.03
CA CYS A 203 27.66 15.48 -12.73
C CYS A 203 26.16 15.24 -12.79
N TRP A 204 25.39 16.16 -12.22
CA TRP A 204 23.94 16.01 -12.13
C TRP A 204 23.24 16.89 -13.16
N ALA A 205 22.02 16.45 -13.55
CA ALA A 205 21.12 17.25 -14.36
C ALA A 205 19.70 17.02 -13.83
N LEU A 206 19.38 17.72 -12.75
CA LEU A 206 18.04 17.67 -12.17
C LEU A 206 17.12 18.60 -12.93
N GLY A 207 15.81 18.40 -12.75
CA GLY A 207 14.84 19.38 -13.18
C GLY A 207 14.85 19.72 -14.65
N PHE A 208 14.55 18.77 -15.53
CA PHE A 208 14.54 19.09 -16.96
C PHE A 208 13.41 18.37 -17.69
N TYR A 209 12.94 19.01 -18.76
CA TYR A 209 11.97 18.47 -19.71
C TYR A 209 12.19 19.08 -21.09
N PRO A 210 12.19 18.28 -22.18
CA PRO A 210 11.92 16.84 -22.22
C PRO A 210 13.08 15.99 -21.71
N ALA A 211 12.96 14.67 -21.88
CA ALA A 211 13.95 13.77 -21.31
C ALA A 211 15.26 13.77 -22.08
N GLU A 212 15.21 14.08 -23.38
CA GLU A 212 16.40 14.03 -24.23
C GLU A 212 17.51 14.93 -23.69
N ILE A 213 18.57 14.33 -23.16
CA ILE A 213 19.65 15.05 -22.51
C ILE A 213 20.97 14.38 -22.87
N THR A 214 22.03 15.18 -22.87
CA THR A 214 23.38 14.70 -23.18
C THR A 214 24.31 15.07 -22.04
N LEU A 215 24.83 14.06 -21.35
CA LEU A 215 25.83 14.26 -20.30
C LEU A 215 27.12 13.56 -20.71
N THR A 216 28.23 14.30 -20.71
CA THR A 216 29.50 13.77 -21.16
C THR A 216 30.62 14.25 -20.23
N TRP A 217 31.54 13.35 -19.90
CA TRP A 217 32.74 13.73 -19.16
C TRP A 217 33.93 13.77 -20.12
N GLN A 218 34.82 14.73 -19.92
CA GLN A 218 36.00 14.89 -20.76
C GLN A 218 37.22 15.11 -19.89
N ARG A 219 38.27 14.34 -20.13
CA ARG A 219 39.53 14.47 -19.40
C ARG A 219 40.54 15.15 -20.32
N ASP A 220 40.80 16.43 -20.06
CA ASP A 220 41.69 17.24 -20.89
C ASP A 220 41.26 17.24 -22.34
N GLY A 221 39.95 17.32 -22.57
CA GLY A 221 39.42 17.38 -23.92
C GLY A 221 39.28 16.05 -24.63
N GLU A 222 39.53 14.94 -23.94
CA GLU A 222 39.36 13.61 -24.51
C GLU A 222 38.23 12.91 -23.77
N ASP A 223 37.23 12.45 -24.51
CA ASP A 223 36.04 11.87 -23.90
C ASP A 223 36.37 10.58 -23.16
N GLN A 224 35.77 10.42 -21.99
CA GLN A 224 35.95 9.24 -21.15
C GLN A 224 34.70 8.35 -21.16
N THR A 225 34.13 8.17 -22.36
CA THR A 225 32.84 7.49 -22.46
C THR A 225 32.88 6.04 -21.98
N GLN A 226 34.06 5.44 -21.91
CA GLN A 226 34.19 4.09 -21.38
C GLN A 226 34.54 4.06 -19.90
N ASP A 227 35.08 5.15 -19.36
CA ASP A 227 35.39 5.25 -17.94
C ASP A 227 34.37 6.10 -17.20
N THR A 228 33.18 6.28 -17.77
CA THR A 228 32.13 7.11 -17.19
C THR A 228 30.90 6.25 -16.94
N GLU A 229 30.51 6.13 -15.67
CA GLU A 229 29.26 5.46 -15.33
C GLU A 229 28.11 6.41 -15.60
N LEU A 230 27.20 6.00 -16.49
CA LEU A 230 26.10 6.84 -16.95
C LEU A 230 24.80 6.10 -16.71
N VAL A 231 23.95 6.64 -15.84
CA VAL A 231 22.71 5.98 -15.46
C VAL A 231 21.59 6.41 -16.39
N GLU A 232 20.55 5.57 -16.45
CA GLU A 232 19.41 5.85 -17.31
C GLU A 232 18.60 7.03 -16.76
N THR A 233 18.05 7.82 -17.67
CA THR A 233 17.21 8.94 -17.27
C THR A 233 15.94 8.43 -16.58
N ARG A 234 15.63 9.01 -15.43
CA ARG A 234 14.52 8.55 -14.62
C ARG A 234 13.55 9.69 -14.35
N PRO A 235 12.27 9.39 -14.12
CA PRO A 235 11.32 10.43 -13.74
C PRO A 235 11.55 10.87 -12.29
N ALA A 236 11.29 12.15 -12.03
CA ALA A 236 11.42 12.72 -10.70
C ALA A 236 10.10 12.76 -9.94
N GLY A 237 9.11 11.98 -10.38
CA GLY A 237 7.80 12.00 -9.77
C GLY A 237 6.86 13.03 -10.34
N ASP A 238 7.39 14.08 -10.98
CA ASP A 238 6.60 15.00 -11.78
C ASP A 238 6.93 14.77 -13.27
N ARG A 239 6.58 15.71 -14.12
CA ARG A 239 6.92 15.62 -15.54
C ARG A 239 8.40 15.84 -15.80
N THR A 240 9.17 16.06 -14.75
CA THR A 240 10.59 16.36 -14.81
C THR A 240 11.44 15.08 -14.66
N PHE A 241 12.60 15.07 -15.32
CA PHE A 241 13.50 13.91 -15.29
C PHE A 241 14.84 14.28 -14.66
N GLN A 242 15.61 13.23 -14.32
CA GLN A 242 16.92 13.36 -13.70
C GLN A 242 17.91 12.41 -14.37
N LYS A 243 19.20 12.72 -14.22
CA LYS A 243 20.26 11.91 -14.83
C LYS A 243 21.61 12.41 -14.31
N TRP A 244 22.53 11.49 -14.04
CA TRP A 244 23.87 11.87 -13.64
C TRP A 244 24.91 10.98 -14.31
N ALA A 245 26.13 11.49 -14.33
CA ALA A 245 27.29 10.82 -14.93
C ALA A 245 28.47 10.93 -13.98
N ALA A 246 29.08 9.80 -13.63
CA ALA A 246 30.15 9.76 -12.66
C ALA A 246 31.44 9.28 -13.29
N VAL A 247 32.56 9.84 -12.82
CA VAL A 247 33.90 9.41 -13.20
C VAL A 247 34.76 9.41 -11.95
N VAL A 248 35.63 8.42 -11.82
CA VAL A 248 36.49 8.30 -10.65
C VAL A 248 37.88 8.78 -11.02
N VAL A 249 38.35 9.79 -10.31
CA VAL A 249 39.58 10.51 -10.65
C VAL A 249 40.52 10.40 -9.46
N PRO A 250 41.82 10.58 -9.68
CA PRO A 250 42.73 10.64 -8.54
C PRO A 250 42.56 11.94 -7.76
N SER A 251 42.54 11.83 -6.43
CA SER A 251 42.42 13.01 -5.59
C SER A 251 43.60 13.96 -5.81
N GLY A 252 43.34 15.09 -6.44
CA GLY A 252 44.40 16.03 -6.76
C GLY A 252 44.31 16.53 -8.19
N GLU A 253 43.60 15.78 -9.04
CA GLU A 253 43.48 16.13 -10.46
C GLU A 253 42.01 16.22 -10.86
N GLU A 254 41.21 16.91 -10.04
CA GLU A 254 39.81 17.14 -10.38
C GLU A 254 39.66 18.08 -11.57
N GLN A 255 40.45 19.15 -11.60
CA GLN A 255 40.34 20.15 -12.66
C GLN A 255 40.85 19.66 -14.01
N ARG A 256 41.29 18.41 -14.13
CA ARG A 256 41.53 17.82 -15.44
C ARG A 256 40.23 17.39 -16.11
N TYR A 257 39.16 17.25 -15.33
CA TYR A 257 37.91 16.67 -15.80
C TYR A 257 36.85 17.77 -15.94
N THR A 258 36.07 17.71 -17.02
CA THR A 258 35.02 18.68 -17.28
C THR A 258 33.76 17.96 -17.70
N CYS A 259 32.64 18.34 -17.11
CA CYS A 259 31.35 17.81 -17.54
C CYS A 259 30.76 18.70 -18.61
N HIS A 260 29.93 18.11 -19.46
CA HIS A 260 29.35 18.80 -20.61
C HIS A 260 27.91 18.35 -20.73
N VAL A 261 26.99 19.32 -20.68
CA VAL A 261 25.56 19.04 -20.63
C VAL A 261 24.89 19.75 -21.78
N GLN A 262 24.08 19.01 -22.54
CA GLN A 262 23.33 19.52 -23.68
C GLN A 262 21.87 19.18 -23.50
N HIS A 263 21.01 20.19 -23.53
CA HIS A 263 19.58 20.00 -23.42
C HIS A 263 18.87 20.95 -24.37
N GLU A 264 17.68 20.55 -24.81
CA GLU A 264 16.87 21.43 -25.65
C GLU A 264 16.56 22.75 -24.93
N GLY A 265 16.38 22.69 -23.62
CA GLY A 265 16.07 23.86 -22.81
C GLY A 265 17.24 24.75 -22.47
N LEU A 266 18.41 24.50 -23.04
CA LEU A 266 19.56 25.36 -22.78
C LEU A 266 19.93 26.16 -24.03
N PRO A 267 20.19 27.45 -23.88
CA PRO A 267 20.58 28.25 -25.06
C PRO A 267 21.91 27.80 -25.67
N LYS A 268 22.89 27.48 -24.82
CA LYS A 268 24.19 27.00 -25.24
C LYS A 268 24.53 25.73 -24.49
N PRO A 269 25.36 24.85 -25.07
CA PRO A 269 25.86 23.71 -24.31
C PRO A 269 26.71 24.17 -23.13
N LEU A 270 26.55 23.49 -22.00
CA LEU A 270 27.20 23.90 -20.77
C LEU A 270 28.42 23.03 -20.47
N THR A 271 29.40 23.63 -19.81
CA THR A 271 30.61 22.97 -19.38
C THR A 271 30.86 23.30 -17.91
N LEU A 272 31.08 22.27 -17.11
CA LEU A 272 31.13 22.39 -15.65
C LEU A 272 32.41 21.77 -15.11
N ARG A 273 32.83 22.28 -13.96
CA ARG A 273 33.97 21.75 -13.21
C ARG A 273 33.59 21.70 -11.73
N TRP A 274 34.30 20.88 -10.98
CA TRP A 274 34.07 20.82 -9.55
C TRP A 274 34.76 21.99 -8.86
N GLU A 275 34.00 22.72 -8.05
CA GLU A 275 34.53 23.88 -7.35
C GLU A 275 34.30 23.76 -5.85
N ILE B 1 12.29 -13.58 -25.22
CA ILE B 1 13.46 -13.17 -24.47
C ILE B 1 13.04 -12.54 -23.13
N GLN B 2 13.86 -12.73 -22.10
CA GLN B 2 13.63 -12.16 -20.78
C GLN B 2 14.78 -11.22 -20.44
N ARG B 3 14.46 -10.12 -19.76
CA ARG B 3 15.45 -9.13 -19.38
C ARG B 3 15.25 -8.77 -17.91
N THR B 4 16.36 -8.61 -17.20
CA THR B 4 16.46 -8.31 -15.77
C THR B 4 16.39 -6.81 -15.55
N PRO B 5 15.59 -6.36 -14.58
CA PRO B 5 15.36 -4.92 -14.42
C PRO B 5 16.59 -4.18 -13.91
N LYS B 6 16.81 -2.99 -14.46
CA LYS B 6 17.67 -1.99 -13.85
C LYS B 6 16.87 -1.25 -12.79
N ILE B 7 17.48 -1.08 -11.61
CA ILE B 7 16.81 -0.53 -10.44
C ILE B 7 17.54 0.73 -10.00
N GLN B 8 16.77 1.77 -9.69
CA GLN B 8 17.33 3.01 -9.15
C GLN B 8 16.50 3.49 -7.97
N VAL B 9 17.16 3.76 -6.85
CA VAL B 9 16.52 4.33 -5.67
C VAL B 9 17.02 5.76 -5.50
N TYR B 10 16.10 6.72 -5.47
CA TYR B 10 16.50 8.12 -5.43
C TYR B 10 15.34 8.95 -4.87
N SER B 11 15.68 10.16 -4.42
CA SER B 11 14.69 11.11 -3.96
C SER B 11 14.27 12.03 -5.09
N ARG B 12 13.04 12.55 -5.01
CA ARG B 12 12.57 13.49 -6.02
C ARG B 12 13.35 14.80 -5.95
N HIS B 13 13.57 15.31 -4.75
CA HIS B 13 14.32 16.53 -4.50
C HIS B 13 15.62 16.23 -3.77
N PRO B 14 16.56 17.17 -3.76
CA PRO B 14 17.79 16.96 -2.97
C PRO B 14 17.46 16.72 -1.49
N ALA B 15 18.05 15.66 -0.94
CA ALA B 15 17.70 15.21 0.40
C ALA B 15 18.23 16.18 1.45
N GLU B 16 17.39 16.52 2.41
CA GLU B 16 17.76 17.31 3.58
C GLU B 16 16.92 16.77 4.72
N ASN B 17 17.57 16.47 5.84
CA ASN B 17 16.91 15.81 6.95
C ASN B 17 15.77 16.68 7.50
N GLY B 18 14.68 16.03 7.86
CA GLY B 18 13.55 16.71 8.45
C GLY B 18 12.57 17.31 7.45
N LYS B 19 12.85 17.27 6.16
CA LYS B 19 11.90 17.79 5.17
C LYS B 19 11.17 16.65 4.49
N SER B 20 9.89 16.87 4.23
CA SER B 20 9.11 15.91 3.47
C SER B 20 9.57 15.89 2.02
N ASN B 21 9.79 14.70 1.49
CA ASN B 21 10.29 14.47 0.15
C ASN B 21 9.57 13.25 -0.40
N PHE B 22 9.95 12.85 -1.61
CA PHE B 22 9.42 11.65 -2.24
C PHE B 22 10.56 10.67 -2.45
N LEU B 23 10.34 9.42 -2.04
CA LEU B 23 11.26 8.32 -2.29
C LEU B 23 10.77 7.54 -3.48
N ASN B 24 11.65 7.32 -4.45
CA ASN B 24 11.33 6.70 -5.73
C ASN B 24 12.26 5.52 -5.97
N CYS B 25 11.71 4.53 -6.66
CA CYS B 25 12.43 3.35 -7.11
C CYS B 25 11.96 3.11 -8.54
N TYR B 26 12.84 3.36 -9.50
CA TYR B 26 12.54 3.22 -10.92
C TYR B 26 13.08 1.89 -11.40
N VAL B 27 12.18 1.05 -11.92
CA VAL B 27 12.54 -0.26 -12.45
C VAL B 27 12.31 -0.22 -13.96
N SER B 28 13.39 -0.39 -14.73
CA SER B 28 13.31 -0.22 -16.17
C SER B 28 14.01 -1.36 -16.89
N GLY B 29 13.62 -1.56 -18.15
CA GLY B 29 14.31 -2.50 -19.00
C GLY B 29 14.07 -3.96 -18.73
N PHE B 30 12.95 -4.32 -18.11
CA PHE B 30 12.69 -5.71 -17.76
C PHE B 30 11.59 -6.30 -18.63
N HIS B 31 11.56 -7.63 -18.65
CA HIS B 31 10.56 -8.42 -19.34
C HIS B 31 10.61 -9.83 -18.76
N PRO B 32 9.46 -10.48 -18.49
CA PRO B 32 8.10 -9.98 -18.76
C PRO B 32 7.62 -8.91 -17.76
N SER B 33 6.30 -8.67 -17.79
CA SER B 33 5.76 -7.48 -17.14
C SER B 33 5.73 -7.62 -15.62
N ASP B 34 5.23 -8.75 -15.13
CA ASP B 34 4.97 -8.87 -13.70
C ASP B 34 6.25 -8.73 -12.89
N ILE B 35 6.28 -7.69 -12.05
CA ILE B 35 7.40 -7.40 -11.16
C ILE B 35 6.85 -7.18 -9.77
N GLU B 36 7.72 -7.32 -8.77
CA GLU B 36 7.34 -7.08 -7.38
C GLU B 36 8.31 -6.05 -6.81
N VAL B 37 7.81 -4.87 -6.48
CA VAL B 37 8.65 -3.80 -5.95
C VAL B 37 8.05 -3.32 -4.63
N ASP B 38 8.83 -3.41 -3.56
CA ASP B 38 8.49 -2.84 -2.27
C ASP B 38 9.52 -1.79 -1.89
N LEU B 39 9.09 -0.79 -1.12
CA LEU B 39 10.00 0.18 -0.53
C LEU B 39 10.19 -0.17 0.95
N LEU B 40 11.40 0.01 1.46
CA LEU B 40 11.77 -0.44 2.79
C LEU B 40 12.27 0.73 3.62
N LYS B 41 11.73 0.88 4.83
CA LYS B 41 12.26 1.78 5.84
C LYS B 41 12.80 0.93 6.99
N ASN B 42 14.12 0.88 7.11
CA ASN B 42 14.79 0.09 8.14
C ASN B 42 14.38 -1.39 8.07
N GLY B 43 14.24 -1.90 6.85
CA GLY B 43 13.94 -3.30 6.63
C GLY B 43 12.47 -3.64 6.47
N GLU B 44 11.57 -2.79 6.95
CA GLU B 44 10.14 -3.03 6.86
C GLU B 44 9.56 -2.29 5.66
N ARG B 45 8.59 -2.91 5.00
CA ARG B 45 8.06 -2.34 3.77
C ARG B 45 7.12 -1.18 4.07
N ILE B 46 7.16 -0.16 3.22
CA ILE B 46 6.24 0.97 3.33
C ILE B 46 4.87 0.53 2.83
N GLU B 47 3.83 0.88 3.59
CA GLU B 47 2.49 0.39 3.27
C GLU B 47 1.74 1.27 2.27
N LYS B 48 2.07 2.55 2.19
CA LYS B 48 1.37 3.49 1.31
C LYS B 48 2.31 3.91 0.18
N VAL B 49 2.46 3.01 -0.79
CA VAL B 49 3.32 3.22 -1.95
C VAL B 49 2.45 3.24 -3.20
N GLU B 50 2.72 4.19 -4.08
CA GLU B 50 2.07 4.26 -5.38
C GLU B 50 3.03 3.81 -6.47
N HIS B 51 2.48 3.61 -7.67
CA HIS B 51 3.29 3.30 -8.83
C HIS B 51 2.62 3.88 -10.06
N SER B 52 3.44 4.29 -11.03
CA SER B 52 2.90 4.72 -12.32
C SER B 52 2.34 3.52 -13.07
N ASP B 53 1.57 3.81 -14.11
CA ASP B 53 1.02 2.75 -14.94
C ASP B 53 2.10 2.14 -15.83
N LEU B 54 1.91 0.87 -16.16
CA LEU B 54 2.92 0.14 -16.92
C LEU B 54 2.96 0.64 -18.36
N SER B 55 4.09 1.21 -18.75
CA SER B 55 4.41 1.49 -20.13
C SER B 55 5.74 0.80 -20.46
N PHE B 56 6.13 0.87 -21.73
CA PHE B 56 7.36 0.19 -22.14
C PHE B 56 8.21 1.11 -23.00
N SER B 57 9.49 0.76 -23.11
CA SER B 57 10.42 1.50 -23.95
C SER B 57 10.31 1.01 -25.39
N LYS B 58 11.19 1.51 -26.26
CA LYS B 58 11.08 1.21 -27.68
C LYS B 58 11.68 -0.14 -28.05
N ASP B 59 12.47 -0.74 -27.18
CA ASP B 59 12.89 -2.13 -27.33
C ASP B 59 11.87 -3.10 -26.72
N TRP B 60 10.69 -2.60 -26.34
CA TRP B 60 9.55 -3.31 -25.76
C TRP B 60 9.76 -3.62 -24.27
N SER B 61 10.89 -3.25 -23.68
CA SER B 61 11.08 -3.46 -22.25
C SER B 61 10.25 -2.47 -21.44
N PHE B 62 9.76 -2.94 -20.29
CA PHE B 62 8.84 -2.18 -19.46
C PHE B 62 9.59 -1.28 -18.49
N TYR B 63 8.91 -0.23 -18.03
CA TYR B 63 9.43 0.60 -16.94
C TYR B 63 8.28 1.03 -16.04
N LEU B 64 8.59 1.11 -14.75
CA LEU B 64 7.67 1.53 -13.72
C LEU B 64 8.42 2.40 -12.72
N LEU B 65 7.66 3.25 -12.03
CA LEU B 65 8.20 4.07 -10.96
C LEU B 65 7.35 3.88 -9.72
N TYR B 66 7.94 3.34 -8.66
CA TYR B 66 7.26 3.22 -7.38
C TYR B 66 7.70 4.39 -6.50
N TYR B 67 6.73 5.10 -5.95
CA TYR B 67 7.05 6.29 -5.16
C TYR B 67 6.18 6.34 -3.91
N THR B 68 6.71 7.01 -2.88
CA THR B 68 5.94 7.28 -1.68
C THR B 68 6.52 8.50 -0.97
N GLU B 69 5.66 9.20 -0.23
CA GLU B 69 6.10 10.37 0.51
C GLU B 69 6.80 9.93 1.79
N PHE B 70 8.04 10.38 1.97
CA PHE B 70 8.79 10.08 3.18
C PHE B 70 9.43 11.36 3.68
N THR B 71 10.14 11.27 4.80
CA THR B 71 10.88 12.40 5.35
C THR B 71 12.24 11.87 5.76
N PRO B 72 13.30 12.14 4.99
CA PRO B 72 14.62 11.61 5.35
C PRO B 72 15.09 12.15 6.68
N THR B 73 15.62 11.26 7.51
CA THR B 73 16.33 11.61 8.72
C THR B 73 17.74 11.06 8.63
N GLU B 74 18.58 11.45 9.60
CA GLU B 74 19.99 11.06 9.55
C GLU B 74 20.17 9.57 9.80
N LYS B 75 19.32 8.97 10.64
CA LYS B 75 19.47 7.57 11.02
C LYS B 75 18.63 6.61 10.20
N ASP B 76 17.52 7.07 9.62
CA ASP B 76 16.61 6.16 8.94
C ASP B 76 17.21 5.68 7.62
N GLU B 77 17.22 4.36 7.43
CA GLU B 77 17.83 3.72 6.27
C GLU B 77 16.74 3.23 5.34
N TYR B 78 16.81 3.63 4.07
CA TYR B 78 15.78 3.31 3.09
C TYR B 78 16.35 2.42 2.00
N ALA B 79 15.47 1.59 1.43
CA ALA B 79 15.89 0.63 0.41
C ALA B 79 14.72 0.31 -0.51
N CYS B 80 15.02 -0.44 -1.55
CA CYS B 80 14.03 -0.92 -2.52
C CYS B 80 14.27 -2.42 -2.72
N ARG B 81 13.19 -3.20 -2.68
CA ARG B 81 13.26 -4.65 -2.84
C ARG B 81 12.50 -5.04 -4.09
N VAL B 82 13.21 -5.60 -5.07
CA VAL B 82 12.66 -5.94 -6.37
C VAL B 82 12.81 -7.44 -6.59
N ASN B 83 11.70 -8.10 -6.89
CA ASN B 83 11.70 -9.50 -7.29
C ASN B 83 11.16 -9.61 -8.71
N HIS B 84 11.89 -10.35 -9.55
CA HIS B 84 11.53 -10.60 -10.93
C HIS B 84 11.78 -12.07 -11.21
N VAL B 85 11.14 -12.58 -12.27
CA VAL B 85 11.32 -13.98 -12.63
C VAL B 85 12.76 -14.27 -13.00
N THR B 86 13.47 -13.27 -13.53
CA THR B 86 14.86 -13.42 -13.93
C THR B 86 15.84 -13.39 -12.76
N LEU B 87 15.35 -13.30 -11.52
CA LEU B 87 16.20 -13.05 -10.36
C LEU B 87 16.32 -14.32 -9.51
N SER B 88 17.56 -14.64 -9.11
CA SER B 88 17.79 -15.77 -8.23
C SER B 88 17.06 -15.61 -6.91
N GLN B 89 17.01 -14.37 -6.41
CA GLN B 89 16.59 -14.06 -5.06
C GLN B 89 16.18 -12.60 -5.07
N PRO B 90 15.17 -12.18 -4.29
CA PRO B 90 14.79 -10.76 -4.27
C PRO B 90 15.98 -9.84 -4.06
N LYS B 91 16.20 -8.92 -5.00
CA LYS B 91 17.31 -7.99 -4.92
C LYS B 91 16.93 -6.80 -4.05
N ILE B 92 17.92 -6.27 -3.31
CA ILE B 92 17.70 -5.16 -2.40
C ILE B 92 18.75 -4.09 -2.71
N VAL B 93 18.28 -2.95 -3.20
CA VAL B 93 19.14 -1.82 -3.53
C VAL B 93 18.90 -0.73 -2.49
N LYS B 94 19.93 -0.39 -1.74
CA LYS B 94 19.81 0.62 -0.71
C LYS B 94 19.79 2.02 -1.31
N TRP B 95 19.11 2.94 -0.62
CA TRP B 95 19.03 4.32 -1.08
C TRP B 95 20.26 5.07 -0.60
N ASP B 96 20.99 5.65 -1.56
CA ASP B 96 22.12 6.52 -1.28
C ASP B 96 21.68 7.94 -1.56
N ARG B 97 21.55 8.75 -0.52
CA ARG B 97 21.07 10.12 -0.69
C ARG B 97 22.04 11.00 -1.48
N ASP B 98 23.29 10.55 -1.65
CA ASP B 98 24.23 11.19 -2.56
C ASP B 98 24.10 10.67 -3.99
N MET B 99 23.23 9.69 -4.22
CA MET B 99 23.04 9.11 -5.55
C MET B 99 21.59 9.22 -5.98
N GLY C 1 -25.03 3.00 31.16
CA GLY C 1 -24.44 2.07 32.11
C GLY C 1 -23.04 2.44 32.55
N SER C 2 -22.19 1.42 32.67
CA SER C 2 -20.81 1.64 33.09
C SER C 2 -19.93 2.01 31.89
N HIS C 3 -18.97 2.88 32.13
CA HIS C 3 -18.11 3.39 31.07
C HIS C 3 -16.65 3.21 31.47
N SER C 4 -15.77 3.33 30.47
CA SER C 4 -14.37 3.01 30.65
C SER C 4 -13.50 3.93 29.80
N MET C 5 -12.27 4.16 30.28
CA MET C 5 -11.24 4.80 29.49
C MET C 5 -9.94 4.05 29.68
N ARG C 6 -9.33 3.62 28.58
CA ARG C 6 -8.13 2.79 28.63
C ARG C 6 -7.07 3.31 27.65
N TYR C 7 -5.81 3.09 28.02
CA TYR C 7 -4.66 3.49 27.23
C TYR C 7 -3.75 2.27 27.07
N PHE C 8 -3.38 1.97 25.82
CA PHE C 8 -2.60 0.81 25.45
C PHE C 8 -1.31 1.27 24.79
N HIS C 9 -0.20 0.60 25.13
CA HIS C 9 1.13 0.95 24.64
C HIS C 9 1.91 -0.32 24.33
N THR C 10 2.65 -0.29 23.23
CA THR C 10 3.48 -1.42 22.81
C THR C 10 4.83 -0.90 22.34
N SER C 11 5.90 -1.40 22.95
CA SER C 11 7.28 -1.13 22.55
C SER C 11 7.91 -2.43 22.07
N VAL C 12 8.53 -2.40 20.90
CA VAL C 12 9.13 -3.59 20.29
C VAL C 12 10.51 -3.21 19.79
N SER C 13 11.54 -3.85 20.35
CA SER C 13 12.91 -3.52 20.00
C SER C 13 13.27 -4.07 18.61
N ARG C 14 14.19 -3.37 17.94
CA ARG C 14 14.67 -3.74 16.60
C ARG C 14 16.19 -3.81 16.63
N PRO C 15 16.75 -4.92 17.07
CA PRO C 15 18.21 -5.05 17.08
C PRO C 15 18.80 -4.97 15.67
N GLY C 16 19.74 -4.05 15.50
CA GLY C 16 20.39 -3.84 14.23
C GLY C 16 19.69 -2.85 13.31
N ARG C 17 18.37 -2.75 13.42
CA ARG C 17 17.61 -1.88 12.52
C ARG C 17 17.40 -0.48 13.07
N GLY C 18 17.27 -0.33 14.39
CA GLY C 18 17.14 0.99 14.97
C GLY C 18 16.47 0.94 16.34
N GLU C 19 15.88 2.06 16.71
CA GLU C 19 15.23 2.20 18.00
C GLU C 19 13.98 1.32 18.05
N PRO C 20 13.46 1.05 19.26
CA PRO C 20 12.21 0.30 19.37
C PRO C 20 11.06 1.06 18.74
N ARG C 21 10.16 0.31 18.10
CA ARG C 21 8.91 0.84 17.61
C ARG C 21 7.93 0.99 18.77
N PHE C 22 7.37 2.18 18.93
CA PHE C 22 6.41 2.48 19.98
C PHE C 22 5.08 2.87 19.35
N ILE C 23 4.02 2.22 19.79
CA ILE C 23 2.66 2.50 19.30
C ILE C 23 1.71 2.50 20.48
N THR C 24 0.93 3.57 20.63
CA THR C 24 -0.05 3.67 21.71
C THR C 24 -1.38 4.18 21.16
N VAL C 25 -2.47 3.65 21.73
CA VAL C 25 -3.83 4.02 21.33
C VAL C 25 -4.69 4.18 22.57
N GLY C 26 -5.64 5.11 22.48
CA GLY C 26 -6.56 5.39 23.57
C GLY C 26 -7.99 5.05 23.17
N TYR C 27 -8.69 4.37 24.08
CA TYR C 27 -10.07 3.96 23.87
C TYR C 27 -10.97 4.54 24.95
N VAL C 28 -12.19 4.88 24.55
CA VAL C 28 -13.30 5.15 25.45
C VAL C 28 -14.38 4.14 25.13
N ASP C 29 -14.68 3.27 26.10
CA ASP C 29 -15.44 2.06 25.83
C ASP C 29 -14.81 1.36 24.62
N ASP C 30 -15.62 0.95 23.64
CA ASP C 30 -15.07 0.28 22.48
C ASP C 30 -14.71 1.24 21.35
N THR C 31 -14.57 2.53 21.64
CA THR C 31 -14.36 3.55 20.62
C THR C 31 -12.92 4.07 20.67
N LEU C 32 -12.19 3.89 19.56
CA LEU C 32 -10.82 4.35 19.42
C LEU C 32 -10.82 5.86 19.17
N PHE C 33 -10.13 6.64 20.02
CA PHE C 33 -10.21 8.09 19.91
C PHE C 33 -8.89 8.84 19.81
N VAL C 34 -7.76 8.29 20.27
CA VAL C 34 -6.46 8.91 20.04
C VAL C 34 -5.43 7.81 19.76
N ARG C 35 -4.30 8.23 19.20
CA ARG C 35 -3.27 7.29 18.75
C ARG C 35 -1.94 8.02 18.63
N PHE C 36 -0.87 7.22 18.60
CA PHE C 36 0.48 7.72 18.43
C PHE C 36 1.33 6.58 17.90
N ASP C 37 2.18 6.89 16.91
CA ASP C 37 3.08 5.91 16.30
C ASP C 37 4.40 6.62 16.04
N SER C 38 5.45 6.22 16.77
CA SER C 38 6.76 6.85 16.65
C SER C 38 7.40 6.62 15.28
N ASP C 39 6.84 5.73 14.46
CA ASP C 39 7.35 5.47 13.12
C ASP C 39 6.91 6.53 12.10
N ALA C 40 6.07 7.48 12.49
CA ALA C 40 5.61 8.49 11.55
C ALA C 40 6.74 9.48 11.23
N ALA C 41 6.53 10.27 10.18
CA ALA C 41 7.53 11.24 9.74
C ALA C 41 7.90 12.20 10.87
N SER C 42 6.92 12.96 11.35
CA SER C 42 7.08 13.77 12.56
C SER C 42 5.99 13.33 13.52
N PRO C 43 6.29 12.42 14.45
CA PRO C 43 5.23 11.79 15.24
C PRO C 43 4.47 12.78 16.12
N ARG C 44 3.19 12.50 16.29
CA ARG C 44 2.28 13.34 17.06
C ARG C 44 1.04 12.51 17.37
N GLU C 45 0.37 12.84 18.47
CA GLU C 45 -0.89 12.19 18.77
C GLU C 45 -2.00 12.84 17.96
N GLU C 46 -2.67 12.04 17.13
CA GLU C 46 -3.71 12.55 16.27
C GLU C 46 -5.08 12.03 16.68
N PRO C 47 -6.14 12.82 16.47
CA PRO C 47 -7.48 12.37 16.86
C PRO C 47 -7.98 11.26 15.94
N ARG C 48 -8.70 10.31 16.53
CA ARG C 48 -9.31 9.22 15.79
C ARG C 48 -10.81 9.14 15.96
N ALA C 49 -11.39 9.93 16.85
CA ALA C 49 -12.81 10.06 17.04
C ALA C 49 -13.24 11.49 16.70
N PRO C 50 -14.52 11.71 16.42
CA PRO C 50 -14.95 13.06 16.03
C PRO C 50 -15.04 14.04 17.20
N TRP C 51 -15.36 13.53 18.39
CA TRP C 51 -15.63 14.37 19.56
C TRP C 51 -14.38 14.75 20.34
N ILE C 52 -13.20 14.29 19.92
CA ILE C 52 -11.95 14.63 20.58
C ILE C 52 -11.08 15.57 19.77
N GLU C 53 -11.39 15.76 18.48
CA GLU C 53 -10.76 16.85 17.72
C GLU C 53 -11.13 18.21 18.27
N GLN C 54 -12.08 18.27 19.20
CA GLN C 54 -12.52 19.53 19.79
C GLN C 54 -11.47 20.11 20.74
N GLU C 55 -10.62 19.27 21.31
CA GLU C 55 -9.65 19.71 22.30
C GLU C 55 -8.61 20.63 21.67
N GLY C 56 -8.21 21.66 22.42
CA GLY C 56 -7.38 22.71 21.89
C GLY C 56 -5.95 22.26 21.66
N PRO C 57 -5.13 23.18 21.14
CA PRO C 57 -3.74 22.84 20.82
C PRO C 57 -2.90 22.43 22.03
N GLU C 58 -3.12 23.05 23.19
CA GLU C 58 -2.35 22.66 24.37
C GLU C 58 -2.62 21.21 24.76
N TYR C 59 -3.84 20.72 24.52
CA TYR C 59 -4.16 19.31 24.74
C TYR C 59 -3.27 18.42 23.89
N TRP C 60 -3.21 18.70 22.58
CA TRP C 60 -2.43 17.86 21.68
C TRP C 60 -0.94 17.97 21.96
N ASP C 61 -0.46 19.17 22.32
CA ASP C 61 0.94 19.32 22.70
C ASP C 61 1.28 18.48 23.93
N ARG C 62 0.45 18.58 24.98
CA ARG C 62 0.71 17.80 26.20
C ARG C 62 0.66 16.31 25.92
N GLU C 63 -0.34 15.86 25.15
CA GLU C 63 -0.46 14.44 24.87
C GLU C 63 0.72 13.94 24.04
N THR C 64 1.18 14.75 23.08
CA THR C 64 2.32 14.35 22.25
C THR C 64 3.60 14.27 23.08
N GLN C 65 3.80 15.23 23.98
CA GLN C 65 4.96 15.16 24.87
C GLN C 65 4.88 13.94 25.78
N ILE C 66 3.68 13.60 26.27
CA ILE C 66 3.52 12.41 27.09
C ILE C 66 3.87 11.16 26.29
N CYS C 67 3.43 11.10 25.03
CA CYS C 67 3.71 9.93 24.21
C CYS C 67 5.22 9.79 23.93
N LYS C 68 5.89 10.91 23.66
CA LYS C 68 7.34 10.83 23.42
C LYS C 68 8.09 10.42 24.69
N ALA C 69 7.68 10.96 25.85
CA ALA C 69 8.29 10.56 27.11
C ALA C 69 8.05 9.09 27.40
N LYS C 70 6.87 8.58 27.06
CA LYS C 70 6.58 7.17 27.28
C LYS C 70 7.44 6.30 26.37
N ALA C 71 7.64 6.72 25.12
CA ALA C 71 8.57 6.01 24.24
C ALA C 71 9.96 5.94 24.86
N GLN C 72 10.46 7.07 25.36
CA GLN C 72 11.79 7.11 25.97
C GLN C 72 11.89 6.16 27.16
N THR C 73 10.92 6.25 28.08
CA THR C 73 10.96 5.43 29.28
C THR C 73 10.83 3.95 28.94
N ASP C 74 10.06 3.62 27.90
CA ASP C 74 9.98 2.23 27.46
C ASP C 74 11.30 1.76 26.89
N ARG C 75 12.06 2.63 26.22
CA ARG C 75 13.40 2.25 25.80
C ARG C 75 14.28 1.90 27.01
N GLU C 76 14.29 2.79 28.01
CA GLU C 76 15.06 2.53 29.22
C GLU C 76 14.63 1.21 29.87
N ASP C 77 13.32 0.95 29.92
CA ASP C 77 12.81 -0.24 30.59
C ASP C 77 13.13 -1.50 29.80
N LEU C 78 13.14 -1.42 28.47
CA LEU C 78 13.56 -2.56 27.66
C LEU C 78 15.01 -2.91 27.97
N ARG C 79 15.88 -1.89 28.06
CA ARG C 79 17.26 -2.17 28.42
C ARG C 79 17.36 -2.80 29.82
N THR C 80 16.59 -2.25 30.78
CA THR C 80 16.62 -2.80 32.14
C THR C 80 16.16 -4.26 32.17
N LEU C 81 15.07 -4.57 31.45
CA LEU C 81 14.57 -5.94 31.44
C LEU C 81 15.51 -6.89 30.72
N LEU C 82 16.18 -6.40 29.68
CA LEU C 82 17.29 -7.16 29.10
C LEU C 82 18.34 -7.48 30.16
N ARG C 83 18.61 -6.53 31.05
CA ARG C 83 19.55 -6.77 32.13
C ARG C 83 19.03 -7.79 33.14
N TYR C 84 17.73 -7.72 33.46
CA TYR C 84 17.17 -8.56 34.52
C TYR C 84 17.18 -10.03 34.13
N TYR C 85 16.77 -10.33 32.89
CA TYR C 85 16.69 -11.70 32.41
C TYR C 85 17.99 -12.15 31.74
N ASN C 86 19.04 -11.35 31.83
CA ASN C 86 20.33 -11.60 31.20
C ASN C 86 20.14 -12.10 29.77
N GLN C 87 19.40 -11.31 29.01
CA GLN C 87 19.08 -11.65 27.63
C GLN C 87 20.03 -10.95 26.67
N SER C 88 20.01 -11.41 25.43
CA SER C 88 20.94 -10.92 24.41
C SER C 88 20.39 -9.68 23.73
N GLU C 89 21.30 -8.79 23.33
CA GLU C 89 20.92 -7.61 22.58
C GLU C 89 20.38 -7.95 21.19
N ALA C 90 20.64 -9.17 20.71
CA ALA C 90 20.23 -9.58 19.38
C ALA C 90 18.82 -10.16 19.35
N GLY C 91 18.13 -10.19 20.47
CA GLY C 91 16.76 -10.68 20.54
C GLY C 91 15.76 -9.54 20.55
N SER C 92 14.61 -9.79 19.92
CA SER C 92 13.53 -8.81 19.86
C SER C 92 12.61 -9.02 21.06
N HIS C 93 12.40 -7.95 21.83
CA HIS C 93 11.60 -8.05 23.05
C HIS C 93 10.48 -7.03 23.04
N THR C 94 9.35 -7.43 23.64
CA THR C 94 8.12 -6.64 23.63
C THR C 94 7.76 -6.23 25.04
N LEU C 95 7.52 -4.93 25.23
CA LEU C 95 6.96 -4.38 26.45
C LEU C 95 5.57 -3.86 26.16
N GLN C 96 4.57 -4.29 26.93
CA GLN C 96 3.21 -3.84 26.77
C GLN C 96 2.72 -3.20 28.06
N ASN C 97 1.99 -2.10 27.92
CA ASN C 97 1.46 -1.39 29.08
C ASN C 97 -0.01 -1.03 28.82
N MET C 98 -0.84 -1.21 29.84
CA MET C 98 -2.24 -0.83 29.75
C MET C 98 -2.67 -0.22 31.06
N TYR C 99 -3.26 0.96 31.02
CA TYR C 99 -3.85 1.51 32.23
C TYR C 99 -5.17 2.18 31.90
N GLY C 100 -6.00 2.34 32.93
CA GLY C 100 -7.28 2.98 32.70
C GLY C 100 -8.18 2.92 33.91
N CYS C 101 -9.40 3.43 33.69
CA CYS C 101 -10.35 3.72 34.76
C CYS C 101 -11.74 3.33 34.30
N ASP C 102 -12.48 2.66 35.19
CA ASP C 102 -13.85 2.25 34.94
C ASP C 102 -14.76 2.95 35.94
N VAL C 103 -15.83 3.55 35.43
CA VAL C 103 -16.77 4.35 36.21
C VAL C 103 -18.18 3.83 36.02
N GLY C 104 -19.03 4.05 37.03
CA GLY C 104 -20.39 3.56 37.00
C GLY C 104 -21.39 4.49 36.35
N PRO C 105 -22.67 4.13 36.41
CA PRO C 105 -23.70 5.01 35.83
C PRO C 105 -23.80 6.36 36.52
N ASP C 106 -23.45 6.43 37.82
CA ASP C 106 -23.43 7.69 38.53
C ASP C 106 -22.19 8.54 38.21
N GLY C 107 -21.29 8.03 37.38
CA GLY C 107 -20.09 8.76 37.02
C GLY C 107 -18.94 8.60 37.99
N ARG C 108 -19.07 7.74 39.00
CA ARG C 108 -18.05 7.55 40.01
C ARG C 108 -17.19 6.32 39.69
N LEU C 109 -15.97 6.35 40.22
CA LEU C 109 -14.94 5.39 39.83
C LEU C 109 -15.26 3.99 40.35
N LEU C 110 -15.37 3.03 39.43
CA LEU C 110 -15.58 1.63 39.79
C LEU C 110 -14.26 0.90 40.05
N ARG C 111 -13.28 1.09 39.17
CA ARG C 111 -11.98 0.46 39.40
C ARG C 111 -10.92 1.04 38.46
N GLY C 112 -9.73 1.27 38.99
CA GLY C 112 -8.60 1.73 38.21
C GLY C 112 -7.52 0.66 38.16
N TYR C 113 -6.75 0.66 37.07
CA TYR C 113 -5.75 -0.38 36.88
C TYR C 113 -4.59 0.14 36.04
N HIS C 114 -3.44 -0.50 36.21
CA HIS C 114 -2.19 -0.14 35.53
C HIS C 114 -1.32 -1.40 35.51
N GLN C 115 -1.27 -2.08 34.37
CA GLN C 115 -0.61 -3.37 34.24
C GLN C 115 0.45 -3.32 33.14
N ASP C 116 1.40 -4.25 33.24
CA ASP C 116 2.56 -4.31 32.37
C ASP C 116 2.93 -5.77 32.10
N ALA C 117 3.15 -6.08 30.82
CA ALA C 117 3.57 -7.40 30.38
C ALA C 117 4.89 -7.31 29.62
N TYR C 118 5.66 -8.41 29.65
CA TYR C 118 6.93 -8.50 28.96
C TYR C 118 6.93 -9.72 28.07
N ASP C 119 7.18 -9.50 26.79
CA ASP C 119 7.05 -10.55 25.77
C ASP C 119 5.80 -11.42 25.95
N GLY C 120 4.67 -10.81 26.29
CA GLY C 120 3.40 -11.51 26.27
C GLY C 120 2.96 -12.13 27.57
N LYS C 121 3.74 -12.02 28.64
CA LYS C 121 3.39 -12.59 29.93
C LYS C 121 3.33 -11.47 30.96
N ASP C 122 2.39 -11.60 31.90
CA ASP C 122 2.19 -10.57 32.91
C ASP C 122 3.48 -10.32 33.69
N TYR C 123 3.89 -9.06 33.76
CA TYR C 123 5.08 -8.67 34.50
C TYR C 123 4.71 -8.06 35.86
N ILE C 124 3.96 -6.95 35.86
CA ILE C 124 3.55 -6.36 37.13
C ILE C 124 2.26 -5.59 36.93
N ALA C 125 1.36 -5.69 37.91
CA ALA C 125 0.04 -5.07 37.80
C ALA C 125 -0.33 -4.41 39.11
N LEU C 126 -0.81 -3.17 39.05
CA LEU C 126 -1.36 -2.53 40.23
C LEU C 126 -2.66 -3.22 40.62
N ASN C 127 -2.86 -3.38 41.93
CA ASN C 127 -4.00 -4.13 42.44
C ASN C 127 -5.20 -3.20 42.64
N GLU C 128 -6.38 -3.82 42.80
CA GLU C 128 -7.63 -3.08 42.92
C GLU C 128 -7.69 -2.21 44.17
N ASP C 129 -6.84 -2.44 45.15
CA ASP C 129 -6.77 -1.53 46.30
C ASP C 129 -5.99 -0.26 45.99
N LEU C 130 -5.44 -0.15 44.78
CA LEU C 130 -4.62 1.00 44.36
C LEU C 130 -3.48 1.27 45.34
N SER C 131 -3.10 0.26 46.12
CA SER C 131 -2.10 0.42 47.17
C SER C 131 -1.08 -0.70 47.21
N SER C 132 -1.18 -1.71 46.33
CA SER C 132 -0.25 -2.83 46.33
C SER C 132 -0.04 -3.29 44.90
N TRP C 133 0.95 -4.16 44.70
CA TRP C 133 1.32 -4.62 43.38
C TRP C 133 1.31 -6.15 43.33
N THR C 134 1.04 -6.68 42.14
CA THR C 134 1.15 -8.09 41.84
C THR C 134 2.31 -8.27 40.86
N ALA C 135 3.33 -9.01 41.30
CA ALA C 135 4.55 -9.20 40.52
C ALA C 135 4.75 -10.68 40.23
N ALA C 136 5.08 -11.00 38.98
CA ALA C 136 5.11 -12.39 38.55
C ALA C 136 6.37 -13.11 39.02
N ASP C 137 7.54 -12.49 38.84
CA ASP C 137 8.80 -13.16 39.16
C ASP C 137 9.69 -12.24 39.98
N THR C 138 10.92 -12.73 40.25
CA THR C 138 11.88 -12.01 41.07
C THR C 138 12.22 -10.65 40.46
N ALA C 139 12.42 -10.58 39.15
CA ALA C 139 12.71 -9.30 38.51
C ALA C 139 11.55 -8.34 38.66
N ALA C 140 10.32 -8.85 38.54
CA ALA C 140 9.14 -8.01 38.79
C ALA C 140 9.09 -7.57 40.24
N GLN C 141 9.66 -8.35 41.16
CA GLN C 141 9.70 -7.92 42.55
C GLN C 141 10.78 -6.87 42.78
N ILE C 142 11.89 -6.93 42.04
CA ILE C 142 12.85 -5.81 42.04
C ILE C 142 12.15 -4.54 41.56
N THR C 143 11.40 -4.65 40.46
CA THR C 143 10.61 -3.52 39.98
C THR C 143 9.62 -3.05 41.03
N GLN C 144 9.02 -3.99 41.77
CA GLN C 144 8.08 -3.63 42.82
C GLN C 144 8.75 -2.83 43.93
N ARG C 145 9.99 -3.18 44.28
CA ARG C 145 10.78 -2.54 45.28
C ARG C 145 11.18 -1.13 44.83
N LYS C 146 11.53 -1.02 43.57
CA LYS C 146 11.86 0.28 42.99
C LYS C 146 10.65 1.19 42.90
N TRP C 147 9.46 0.62 42.67
CA TRP C 147 8.26 1.43 42.55
C TRP C 147 7.64 1.78 43.89
N GLU C 148 7.84 0.92 44.90
CA GLU C 148 7.46 1.27 46.26
C GLU C 148 8.31 2.42 46.78
N ALA C 149 9.62 2.37 46.50
CA ALA C 149 10.48 3.47 46.93
C ALA C 149 10.09 4.79 46.26
N ALA C 150 9.50 4.73 45.06
CA ALA C 150 9.11 5.92 44.32
C ALA C 150 7.63 6.28 44.47
N ARG C 151 6.88 5.54 45.28
CA ARG C 151 5.47 5.84 45.56
C ARG C 151 4.66 5.95 44.26
N VAL C 152 4.84 4.96 43.38
CA VAL C 152 4.17 4.98 42.09
C VAL C 152 2.69 4.64 42.25
N ALA C 153 2.35 3.76 43.20
CA ALA C 153 0.94 3.45 43.44
C ALA C 153 0.17 4.68 43.90
N GLU C 154 0.80 5.57 44.68
CA GLU C 154 0.12 6.77 45.12
C GLU C 154 -0.09 7.74 43.95
N GLN C 155 0.92 7.91 43.09
CA GLN C 155 0.74 8.70 41.88
C GLN C 155 -0.40 8.17 41.04
N LEU C 156 -0.44 6.85 40.85
CA LEU C 156 -1.47 6.27 39.99
C LEU C 156 -2.85 6.35 40.62
N ARG C 157 -2.96 6.24 41.94
CA ARG C 157 -4.25 6.44 42.59
C ARG C 157 -4.70 7.89 42.45
N ALA C 158 -3.79 8.84 42.60
CA ALA C 158 -4.13 10.25 42.39
C ALA C 158 -4.62 10.48 40.97
N TYR C 159 -4.00 9.83 39.99
CA TYR C 159 -4.46 9.97 38.61
C TYR C 159 -5.82 9.31 38.42
N LEU C 160 -6.04 8.16 39.05
CA LEU C 160 -7.21 7.33 38.74
C LEU C 160 -8.47 7.85 39.43
N GLU C 161 -8.36 8.28 40.69
CA GLU C 161 -9.50 8.91 41.34
C GLU C 161 -9.68 10.36 40.93
N GLY C 162 -8.66 10.96 40.33
CA GLY C 162 -8.73 12.35 39.94
C GLY C 162 -9.06 12.57 38.48
N GLU C 163 -8.04 12.88 37.67
CA GLU C 163 -8.30 13.43 36.34
C GLU C 163 -8.71 12.36 35.32
N CYS C 164 -8.38 11.08 35.55
CA CYS C 164 -8.89 9.95 34.74
C CYS C 164 -10.40 10.00 34.61
N VAL C 165 -11.07 9.94 35.77
CA VAL C 165 -12.52 9.92 35.79
C VAL C 165 -13.09 11.25 35.34
N GLU C 166 -12.42 12.35 35.69
CA GLU C 166 -12.88 13.67 35.26
C GLU C 166 -12.91 13.77 33.74
N TRP C 167 -11.78 13.49 33.09
CA TRP C 167 -11.71 13.59 31.64
C TRP C 167 -12.49 12.49 30.95
N LEU C 168 -12.71 11.34 31.62
CA LEU C 168 -13.63 10.34 31.08
C LEU C 168 -15.05 10.88 31.03
N ARG C 169 -15.51 11.51 32.11
CA ARG C 169 -16.82 12.15 32.11
C ARG C 169 -16.91 13.23 31.03
N ARG C 170 -15.84 14.00 30.88
CA ARG C 170 -15.81 15.05 29.86
C ARG C 170 -15.96 14.45 28.46
N TYR C 171 -15.17 13.41 28.15
CA TYR C 171 -15.30 12.74 26.87
C TYR C 171 -16.70 12.16 26.69
N LEU C 172 -17.28 11.63 27.77
CA LEU C 172 -18.57 10.96 27.67
C LEU C 172 -19.68 11.95 27.31
N GLU C 173 -19.71 13.11 27.98
CA GLU C 173 -20.75 14.08 27.69
C GLU C 173 -20.49 14.80 26.37
N ASN C 174 -19.22 15.08 26.06
CA ASN C 174 -18.89 15.68 24.78
C ASN C 174 -19.26 14.78 23.61
N GLY C 175 -19.23 13.46 23.82
CA GLY C 175 -19.65 12.52 22.80
C GLY C 175 -20.91 11.76 23.17
N LYS C 176 -21.81 12.43 23.90
CA LYS C 176 -23.04 11.79 24.36
C LYS C 176 -23.89 11.28 23.21
N GLU C 177 -23.78 11.89 22.03
CA GLU C 177 -24.66 11.56 20.93
C GLU C 177 -24.33 10.18 20.34
N THR C 178 -23.05 9.90 20.13
CA THR C 178 -22.65 8.66 19.47
C THR C 178 -22.10 7.62 20.44
N LEU C 179 -21.49 8.03 21.55
CA LEU C 179 -20.92 7.07 22.49
C LEU C 179 -21.97 6.45 23.41
N GLN C 180 -23.14 7.08 23.54
CA GLN C 180 -24.17 6.64 24.46
C GLN C 180 -25.41 6.11 23.75
N ARG C 181 -25.39 6.02 22.42
CA ARG C 181 -26.43 5.35 21.68
C ARG C 181 -25.92 3.96 21.30
N ALA C 182 -26.64 2.93 21.70
CA ALA C 182 -26.28 1.55 21.39
C ALA C 182 -26.92 1.14 20.07
N ASP C 183 -26.10 0.88 19.07
CA ASP C 183 -26.61 0.50 17.76
C ASP C 183 -27.06 -0.94 17.80
N PRO C 184 -28.34 -1.24 17.53
CA PRO C 184 -28.81 -2.61 17.65
C PRO C 184 -28.26 -3.48 16.53
N PRO C 185 -28.14 -4.79 16.75
CA PRO C 185 -27.60 -5.66 15.71
C PRO C 185 -28.67 -6.07 14.70
N LYS C 186 -28.38 -5.85 13.42
CA LYS C 186 -29.21 -6.41 12.36
C LYS C 186 -28.90 -7.89 12.24
N THR C 187 -29.89 -8.73 12.51
CA THR C 187 -29.68 -10.16 12.69
C THR C 187 -30.49 -10.95 11.68
N HIS C 188 -29.85 -11.98 11.13
CA HIS C 188 -30.53 -12.86 10.18
C HIS C 188 -29.91 -14.24 10.20
N VAL C 189 -30.66 -15.22 9.73
CA VAL C 189 -30.26 -16.63 9.75
C VAL C 189 -29.99 -17.09 8.32
N THR C 190 -28.86 -17.76 8.12
CA THR C 190 -28.48 -18.33 6.84
C THR C 190 -28.39 -19.86 6.96
N HIS C 191 -28.58 -20.52 5.83
CA HIS C 191 -28.69 -21.98 5.76
C HIS C 191 -27.81 -22.50 4.64
N HIS C 192 -26.98 -23.50 4.94
CA HIS C 192 -26.08 -24.09 3.96
C HIS C 192 -26.10 -25.61 4.07
N PRO C 193 -26.61 -26.31 3.06
CA PRO C 193 -26.68 -27.78 3.14
C PRO C 193 -25.30 -28.42 3.00
N ILE C 194 -24.94 -29.24 3.99
CA ILE C 194 -23.68 -29.97 3.97
C ILE C 194 -23.91 -31.35 3.40
N SER C 195 -23.07 -31.72 2.42
CA SER C 195 -22.84 -33.12 2.03
C SER C 195 -24.14 -33.87 1.77
N ASP C 196 -25.10 -33.18 1.15
CA ASP C 196 -26.35 -33.80 0.73
C ASP C 196 -27.21 -34.22 1.91
N HIS C 197 -26.68 -34.17 3.13
CA HIS C 197 -27.38 -34.75 4.27
C HIS C 197 -27.68 -33.76 5.39
N GLU C 198 -26.67 -33.02 5.86
CA GLU C 198 -26.88 -32.16 7.02
C GLU C 198 -27.02 -30.71 6.57
N ALA C 199 -27.02 -29.79 7.53
CA ALA C 199 -27.22 -28.38 7.20
C ALA C 199 -26.48 -27.52 8.22
N THR C 200 -26.40 -26.23 7.94
CA THR C 200 -25.71 -25.26 8.78
C THR C 200 -26.61 -24.06 9.02
N LEU C 201 -26.94 -23.82 10.28
CA LEU C 201 -27.75 -22.66 10.67
C LEU C 201 -26.80 -21.61 11.25
N ARG C 202 -26.64 -20.50 10.52
CA ARG C 202 -25.70 -19.45 10.91
C ARG C 202 -26.49 -18.20 11.27
N CYS C 203 -26.48 -17.85 12.56
CA CYS C 203 -27.12 -16.64 13.05
C CYS C 203 -26.12 -15.50 13.02
N TRP C 204 -26.45 -14.44 12.26
CA TRP C 204 -25.63 -13.27 12.05
C TRP C 204 -26.18 -12.10 12.85
N ALA C 205 -25.31 -11.37 13.55
CA ALA C 205 -25.62 -10.09 14.16
C ALA C 205 -24.58 -9.11 13.67
N LEU C 206 -25.01 -8.13 12.86
CA LEU C 206 -24.10 -7.19 12.24
C LEU C 206 -24.41 -5.77 12.65
N GLY C 207 -23.42 -4.91 12.52
CA GLY C 207 -23.59 -3.48 12.72
C GLY C 207 -24.04 -3.04 14.10
N PHE C 208 -23.52 -3.67 15.15
CA PHE C 208 -23.90 -3.32 16.50
C PHE C 208 -22.73 -2.70 17.26
N TYR C 209 -23.10 -1.96 18.32
CA TYR C 209 -22.16 -1.29 19.22
C TYR C 209 -22.85 -1.21 20.57
N PRO C 210 -22.16 -1.52 21.67
CA PRO C 210 -20.73 -1.89 21.73
C PRO C 210 -20.45 -3.35 21.36
N ALA C 211 -19.18 -3.75 21.47
CA ALA C 211 -18.79 -5.09 21.06
C ALA C 211 -19.37 -6.17 21.97
N GLU C 212 -19.84 -5.81 23.16
CA GLU C 212 -20.40 -6.80 24.08
C GLU C 212 -21.73 -7.31 23.53
N ILE C 213 -21.72 -8.54 23.04
CA ILE C 213 -22.90 -9.19 22.51
C ILE C 213 -22.96 -10.61 23.07
N THR C 214 -24.17 -11.14 23.19
CA THR C 214 -24.39 -12.54 23.52
C THR C 214 -25.21 -13.16 22.41
N LEU C 215 -24.93 -14.43 22.09
CA LEU C 215 -25.58 -15.07 20.94
C LEU C 215 -25.57 -16.57 21.18
N THR C 216 -26.75 -17.15 21.44
CA THR C 216 -26.85 -18.55 21.82
C THR C 216 -27.85 -19.26 20.94
N TRP C 217 -27.57 -20.51 20.60
CA TRP C 217 -28.52 -21.32 19.85
C TRP C 217 -29.25 -22.28 20.78
N GLN C 218 -30.47 -22.64 20.37
CA GLN C 218 -31.47 -23.24 21.24
C GLN C 218 -32.08 -24.43 20.52
N ARG C 219 -32.23 -25.54 21.23
CA ARG C 219 -32.84 -26.76 20.69
C ARG C 219 -34.06 -27.09 21.54
N ASP C 220 -35.22 -26.56 21.14
CA ASP C 220 -36.46 -26.71 21.89
C ASP C 220 -36.36 -26.08 23.29
N GLY C 221 -35.54 -25.03 23.42
CA GLY C 221 -35.31 -24.42 24.70
C GLY C 221 -34.02 -24.83 25.38
N GLU C 222 -33.16 -25.58 24.69
CA GLU C 222 -31.94 -26.11 25.28
C GLU C 222 -30.73 -25.50 24.57
N ASP C 223 -29.81 -24.95 25.36
CA ASP C 223 -28.57 -24.40 24.82
C ASP C 223 -27.72 -25.52 24.22
N GLN C 224 -26.68 -25.14 23.51
CA GLN C 224 -25.80 -26.08 22.82
C GLN C 224 -24.50 -26.19 23.59
N THR C 225 -24.41 -27.23 24.43
CA THR C 225 -23.22 -27.50 25.22
C THR C 225 -22.02 -27.78 24.31
N GLN C 226 -21.28 -26.73 23.96
CA GLN C 226 -20.08 -26.79 23.14
C GLN C 226 -20.31 -27.39 21.75
N ASP C 227 -21.57 -27.52 21.32
CA ASP C 227 -21.91 -27.88 19.95
C ASP C 227 -22.10 -26.66 19.06
N THR C 228 -21.77 -25.47 19.55
CA THR C 228 -21.89 -24.28 18.74
C THR C 228 -20.54 -23.94 18.11
N GLU C 229 -20.60 -23.30 16.95
CA GLU C 229 -19.46 -22.67 16.32
C GLU C 229 -19.67 -21.17 16.41
N LEU C 230 -18.96 -20.52 17.33
CA LEU C 230 -19.13 -19.10 17.63
C LEU C 230 -17.82 -18.40 17.35
N VAL C 231 -17.79 -17.60 16.29
CA VAL C 231 -16.56 -16.92 15.90
C VAL C 231 -16.39 -15.66 16.75
N GLU C 232 -15.14 -15.24 16.90
CA GLU C 232 -14.84 -14.07 17.71
C GLU C 232 -15.44 -12.81 17.10
N THR C 233 -15.89 -11.91 17.97
CA THR C 233 -16.43 -10.62 17.51
C THR C 233 -15.37 -9.86 16.73
N ARG C 234 -15.75 -9.40 15.53
CA ARG C 234 -14.84 -8.69 14.67
C ARG C 234 -15.39 -7.29 14.36
N PRO C 235 -14.53 -6.32 14.12
CA PRO C 235 -15.01 -5.00 13.73
C PRO C 235 -15.38 -4.96 12.26
N ALA C 236 -16.47 -4.26 11.95
CA ALA C 236 -16.81 -4.02 10.55
C ALA C 236 -15.93 -2.98 9.91
N GLY C 237 -15.24 -2.17 10.71
CA GLY C 237 -14.33 -1.15 10.21
C GLY C 237 -14.90 0.26 10.21
N ASP C 238 -16.10 0.45 10.71
CA ASP C 238 -16.75 1.76 10.79
C ASP C 238 -17.23 2.02 12.21
N ARG C 239 -16.44 1.59 13.19
CA ARG C 239 -16.70 1.66 14.62
C ARG C 239 -17.80 0.71 15.08
N THR C 240 -18.35 -0.11 14.19
CA THR C 240 -19.39 -1.06 14.54
C THR C 240 -18.84 -2.48 14.44
N PHE C 241 -19.62 -3.44 14.97
CA PHE C 241 -19.14 -4.81 15.13
C PHE C 241 -20.13 -5.80 14.54
N GLN C 242 -19.65 -7.03 14.35
CA GLN C 242 -20.45 -8.13 13.85
C GLN C 242 -19.95 -9.44 14.46
N LYS C 243 -20.82 -10.43 14.48
CA LYS C 243 -20.52 -11.73 15.08
C LYS C 243 -21.60 -12.72 14.67
N TRP C 244 -21.22 -13.97 14.47
CA TRP C 244 -22.20 -14.99 14.09
C TRP C 244 -21.91 -16.29 14.81
N ALA C 245 -22.89 -17.20 14.74
CA ALA C 245 -22.80 -18.51 15.38
C ALA C 245 -23.35 -19.57 14.43
N ALA C 246 -22.63 -20.67 14.27
CA ALA C 246 -23.00 -21.72 13.34
C ALA C 246 -23.43 -22.99 14.07
N VAL C 247 -24.40 -23.69 13.50
CA VAL C 247 -24.95 -24.89 14.08
C VAL C 247 -25.02 -25.96 13.00
N VAL C 248 -24.58 -27.18 13.34
CA VAL C 248 -24.70 -28.33 12.46
C VAL C 248 -25.93 -29.11 12.87
N VAL C 249 -26.90 -29.23 11.96
CA VAL C 249 -28.16 -29.92 12.24
C VAL C 249 -28.48 -30.91 11.13
N PRO C 250 -28.89 -32.13 11.47
CA PRO C 250 -29.44 -33.02 10.44
C PRO C 250 -30.68 -32.40 9.81
N SER C 251 -30.64 -32.23 8.49
CA SER C 251 -31.74 -31.59 7.78
C SER C 251 -33.02 -32.40 7.93
N GLY C 252 -34.14 -31.70 7.99
CA GLY C 252 -35.42 -32.34 8.17
C GLY C 252 -36.24 -31.72 9.28
N GLU C 253 -35.62 -31.58 10.46
CA GLU C 253 -36.28 -30.93 11.59
C GLU C 253 -35.48 -29.74 12.09
N GLU C 254 -35.06 -28.87 11.18
CA GLU C 254 -34.46 -27.60 11.56
C GLU C 254 -35.45 -26.63 12.18
N GLN C 255 -36.73 -27.01 12.25
CA GLN C 255 -37.77 -26.15 12.81
C GLN C 255 -37.74 -26.08 14.32
N ARG C 256 -36.82 -26.78 14.97
CA ARG C 256 -36.72 -26.79 16.42
C ARG C 256 -35.45 -26.13 16.93
N TYR C 257 -34.73 -25.42 16.08
CA TYR C 257 -33.52 -24.71 16.47
C TYR C 257 -33.76 -23.21 16.34
N THR C 258 -33.71 -22.52 17.47
CA THR C 258 -33.91 -21.08 17.53
C THR C 258 -32.59 -20.38 17.84
N CYS C 259 -32.48 -19.14 17.39
CA CYS C 259 -31.33 -18.31 17.72
C CYS C 259 -31.77 -17.22 18.69
N HIS C 260 -30.95 -16.95 19.70
CA HIS C 260 -31.29 -15.98 20.74
C HIS C 260 -30.16 -14.96 20.80
N VAL C 261 -30.50 -13.71 20.50
CA VAL C 261 -29.53 -12.62 20.38
C VAL C 261 -29.72 -11.69 21.57
N GLN C 262 -28.61 -11.24 22.14
CA GLN C 262 -28.60 -10.46 23.37
C GLN C 262 -27.69 -9.28 23.18
N HIS C 263 -28.21 -8.08 23.45
CA HIS C 263 -27.41 -6.87 23.32
C HIS C 263 -28.03 -5.79 24.19
N GLU C 264 -27.21 -4.81 24.55
CA GLU C 264 -27.71 -3.67 25.30
C GLU C 264 -28.62 -2.80 24.44
N GLY C 265 -28.37 -2.76 23.13
CA GLY C 265 -29.17 -1.98 22.19
C GLY C 265 -30.55 -2.52 21.91
N LEU C 266 -30.90 -3.69 22.43
CA LEU C 266 -32.26 -4.16 22.24
C LEU C 266 -33.10 -3.93 23.49
N PRO C 267 -34.39 -3.66 23.32
CA PRO C 267 -35.27 -3.64 24.51
C PRO C 267 -35.36 -5.00 25.18
N LYS C 268 -35.54 -6.06 24.41
CA LYS C 268 -35.65 -7.42 24.91
C LYS C 268 -34.86 -8.34 24.00
N PRO C 269 -34.39 -9.49 24.51
CA PRO C 269 -33.61 -10.41 23.68
C PRO C 269 -34.40 -10.90 22.47
N LEU C 270 -33.67 -11.14 21.38
CA LEU C 270 -34.26 -11.53 20.11
C LEU C 270 -34.29 -13.05 19.97
N THR C 271 -35.32 -13.53 19.26
CA THR C 271 -35.48 -14.95 18.95
C THR C 271 -35.74 -15.08 17.45
N LEU C 272 -34.70 -15.45 16.71
CA LEU C 272 -34.78 -15.67 15.27
C LEU C 272 -34.83 -17.17 14.96
N ARG C 273 -35.13 -17.47 13.69
CA ARG C 273 -35.16 -18.83 13.20
C ARG C 273 -35.22 -18.78 11.68
N TRP C 274 -34.52 -19.71 11.03
CA TRP C 274 -34.46 -19.74 9.58
C TRP C 274 -35.86 -19.92 8.98
N GLU C 275 -36.04 -19.41 7.77
CA GLU C 275 -37.34 -19.44 7.11
C GLU C 275 -37.18 -19.43 5.59
N ILE D 1 5.46 -16.31 25.74
CA ILE D 1 4.68 -17.29 24.99
C ILE D 1 4.35 -16.74 23.60
N GLN D 2 4.23 -17.63 22.61
CA GLN D 2 3.91 -17.25 21.25
C GLN D 2 2.56 -17.84 20.86
N ARG D 3 1.71 -17.02 20.28
CA ARG D 3 0.40 -17.43 19.81
C ARG D 3 0.26 -17.11 18.33
N THR D 4 -0.36 -18.02 17.58
CA THR D 4 -0.59 -17.78 16.16
C THR D 4 -1.86 -16.97 15.96
N PRO D 5 -1.93 -16.18 14.89
CA PRO D 5 -3.11 -15.33 14.68
C PRO D 5 -4.31 -16.12 14.21
N LYS D 6 -5.47 -15.76 14.74
CA LYS D 6 -6.76 -16.18 14.21
C LYS D 6 -7.19 -15.17 13.15
N ILE D 7 -7.63 -15.68 12.01
CA ILE D 7 -7.80 -14.89 10.79
C ILE D 7 -9.25 -14.95 10.35
N GLN D 8 -9.83 -13.78 10.08
CA GLN D 8 -11.20 -13.69 9.57
C GLN D 8 -11.23 -12.71 8.41
N VAL D 9 -11.58 -13.19 7.23
CA VAL D 9 -11.67 -12.37 6.02
C VAL D 9 -13.15 -12.20 5.70
N TYR D 10 -13.62 -10.95 5.74
CA TYR D 10 -15.04 -10.67 5.57
C TYR D 10 -15.20 -9.35 4.85
N SER D 11 -16.45 -8.93 4.70
CA SER D 11 -16.78 -7.66 4.08
C SER D 11 -17.54 -6.77 5.05
N ARG D 12 -17.33 -5.46 4.93
CA ARG D 12 -17.95 -4.51 5.85
C ARG D 12 -19.46 -4.60 5.80
N HIS D 13 -20.03 -4.62 4.61
CA HIS D 13 -21.46 -4.70 4.38
C HIS D 13 -21.78 -5.96 3.59
N PRO D 14 -23.04 -6.41 3.61
CA PRO D 14 -23.40 -7.60 2.83
C PRO D 14 -22.96 -7.49 1.38
N ALA D 15 -22.24 -8.51 0.92
CA ALA D 15 -21.66 -8.49 -0.42
C ALA D 15 -22.76 -8.59 -1.48
N GLU D 16 -22.84 -7.58 -2.34
CA GLU D 16 -23.66 -7.65 -3.53
C GLU D 16 -22.90 -6.97 -4.67
N ASN D 17 -22.87 -7.63 -5.82
CA ASN D 17 -22.03 -7.20 -6.92
C ASN D 17 -22.43 -5.81 -7.41
N GLY D 18 -21.42 -5.04 -7.85
CA GLY D 18 -21.66 -3.70 -8.32
C GLY D 18 -21.89 -2.66 -7.25
N LYS D 19 -21.74 -3.02 -5.98
CA LYS D 19 -21.90 -2.10 -4.86
C LYS D 19 -20.56 -1.89 -4.19
N SER D 20 -20.16 -0.63 -4.03
CA SER D 20 -18.94 -0.31 -3.28
C SER D 20 -19.00 -0.97 -1.91
N ASN D 21 -17.92 -1.67 -1.54
CA ASN D 21 -17.88 -2.37 -0.27
C ASN D 21 -16.46 -2.29 0.26
N PHE D 22 -16.26 -2.80 1.48
CA PHE D 22 -14.94 -2.84 2.09
C PHE D 22 -14.59 -4.29 2.41
N LEU D 23 -13.39 -4.70 2.00
CA LEU D 23 -12.86 -6.02 2.31
C LEU D 23 -11.93 -5.88 3.50
N ASN D 24 -12.24 -6.59 4.59
CA ASN D 24 -11.47 -6.58 5.82
C ASN D 24 -10.86 -7.95 6.06
N CYS D 25 -9.61 -7.96 6.53
CA CYS D 25 -9.01 -9.15 7.14
C CYS D 25 -8.60 -8.78 8.56
N TYR D 26 -9.23 -9.43 9.52
CA TYR D 26 -8.98 -9.22 10.94
C TYR D 26 -8.08 -10.35 11.44
N VAL D 27 -6.91 -9.98 11.94
CA VAL D 27 -5.95 -10.94 12.49
C VAL D 27 -5.83 -10.62 13.99
N SER D 28 -6.10 -11.62 14.83
CA SER D 28 -6.11 -11.35 16.26
C SER D 28 -5.42 -12.48 17.02
N GLY D 29 -5.30 -12.30 18.32
CA GLY D 29 -4.86 -13.37 19.21
C GLY D 29 -3.47 -13.90 18.97
N PHE D 30 -2.56 -13.06 18.51
CA PHE D 30 -1.21 -13.52 18.19
C PHE D 30 -0.18 -12.79 19.04
N HIS D 31 1.04 -13.32 18.99
CA HIS D 31 2.22 -12.79 19.65
C HIS D 31 3.46 -13.45 19.05
N PRO D 32 4.53 -12.67 18.77
CA PRO D 32 4.61 -11.22 18.95
C PRO D 32 3.82 -10.44 17.90
N SER D 33 3.98 -9.11 17.90
CA SER D 33 3.24 -8.26 16.98
C SER D 33 3.78 -8.31 15.55
N ASP D 34 5.01 -8.79 15.35
CA ASP D 34 5.62 -8.88 14.03
C ASP D 34 4.80 -9.78 13.11
N ILE D 35 4.09 -9.18 12.15
CA ILE D 35 3.19 -9.90 11.27
C ILE D 35 3.22 -9.25 9.90
N GLU D 36 2.87 -10.03 8.87
CA GLU D 36 2.74 -9.53 7.52
C GLU D 36 1.38 -9.94 6.98
N VAL D 37 0.59 -8.97 6.53
CA VAL D 37 -0.77 -9.23 6.05
C VAL D 37 -0.94 -8.61 4.67
N ASP D 38 -1.55 -9.36 3.76
CA ASP D 38 -1.75 -8.90 2.39
C ASP D 38 -3.09 -9.41 1.89
N LEU D 39 -3.95 -8.50 1.42
CA LEU D 39 -5.16 -8.92 0.72
C LEU D 39 -4.82 -9.19 -0.74
N LEU D 40 -5.36 -10.28 -1.26
CA LEU D 40 -5.07 -10.75 -2.61
C LEU D 40 -6.34 -10.75 -3.45
N LYS D 41 -6.20 -10.31 -4.70
CA LYS D 41 -7.28 -10.30 -5.68
C LYS D 41 -6.91 -11.25 -6.82
N ASN D 42 -7.62 -12.37 -6.92
CA ASN D 42 -7.34 -13.39 -7.93
C ASN D 42 -5.89 -13.86 -7.86
N GLY D 43 -5.38 -14.04 -6.65
CA GLY D 43 -3.99 -14.40 -6.48
C GLY D 43 -3.01 -13.27 -6.71
N GLU D 44 -3.48 -12.03 -6.86
CA GLU D 44 -2.64 -10.85 -6.97
C GLU D 44 -2.93 -9.94 -5.79
N ARG D 45 -1.88 -9.51 -5.10
CA ARG D 45 -2.08 -8.71 -3.89
C ARG D 45 -2.57 -7.31 -4.25
N ILE D 46 -3.58 -6.85 -3.50
CA ILE D 46 -4.09 -5.50 -3.68
C ILE D 46 -3.01 -4.51 -3.23
N GLU D 47 -2.91 -3.38 -3.93
CA GLU D 47 -1.83 -2.45 -3.68
C GLU D 47 -2.14 -1.41 -2.62
N LYS D 48 -3.39 -1.00 -2.49
CA LYS D 48 -3.80 0.05 -1.54
C LYS D 48 -4.56 -0.60 -0.40
N VAL D 49 -3.82 -1.08 0.59
CA VAL D 49 -4.39 -1.76 1.76
C VAL D 49 -4.03 -0.97 3.01
N GLU D 50 -5.05 -0.51 3.72
CA GLU D 50 -4.88 0.16 5.00
C GLU D 50 -5.06 -0.82 6.15
N HIS D 51 -4.48 -0.48 7.30
CA HIS D 51 -4.59 -1.30 8.48
C HIS D 51 -4.81 -0.42 9.71
N SER D 52 -5.34 -1.04 10.76
CA SER D 52 -5.52 -0.36 12.03
C SER D 52 -4.17 -0.21 12.73
N ASP D 53 -4.21 0.40 13.91
CA ASP D 53 -3.02 0.52 14.74
C ASP D 53 -2.88 -0.69 15.65
N LEU D 54 -1.66 -0.94 16.09
CA LEU D 54 -1.38 -2.08 16.94
C LEU D 54 -2.07 -1.92 18.29
N SER D 55 -3.00 -2.84 18.58
CA SER D 55 -3.62 -2.93 19.89
C SER D 55 -3.63 -4.39 20.31
N PHE D 56 -3.93 -4.64 21.59
CA PHE D 56 -3.94 -5.99 22.11
C PHE D 56 -5.15 -6.21 23.00
N SER D 57 -5.48 -7.47 23.22
CA SER D 57 -6.65 -7.84 24.01
C SER D 57 -6.25 -8.07 25.47
N LYS D 58 -7.14 -8.68 26.25
CA LYS D 58 -6.93 -8.79 27.70
C LYS D 58 -5.74 -9.67 28.03
N ASP D 59 -5.52 -10.73 27.25
CA ASP D 59 -4.41 -11.64 27.50
C ASP D 59 -3.12 -11.20 26.84
N TRP D 60 -3.01 -9.92 26.45
CA TRP D 60 -1.84 -9.31 25.81
C TRP D 60 -1.61 -9.76 24.38
N SER D 61 -2.60 -10.40 23.75
CA SER D 61 -2.48 -10.82 22.36
C SER D 61 -2.99 -9.72 21.44
N PHE D 62 -2.23 -9.43 20.40
CA PHE D 62 -2.49 -8.28 19.54
C PHE D 62 -3.71 -8.51 18.65
N TYR D 63 -4.10 -7.47 17.93
CA TYR D 63 -5.10 -7.59 16.88
C TYR D 63 -4.97 -6.41 15.94
N LEU D 64 -5.24 -6.68 14.65
CA LEU D 64 -5.11 -5.69 13.60
C LEU D 64 -6.18 -5.96 12.54
N LEU D 65 -6.77 -4.89 12.04
CA LEU D 65 -7.74 -4.97 10.95
C LEU D 65 -7.14 -4.31 9.72
N TYR D 66 -6.94 -5.09 8.66
CA TYR D 66 -6.54 -4.54 7.38
C TYR D 66 -7.78 -4.42 6.50
N TYR D 67 -7.84 -3.36 5.72
CA TYR D 67 -9.05 -3.14 4.92
C TYR D 67 -8.72 -2.39 3.64
N THR D 68 -9.52 -2.66 2.61
CA THR D 68 -9.44 -1.93 1.35
C THR D 68 -10.84 -1.81 0.75
N GLU D 69 -11.11 -0.69 0.09
CA GLU D 69 -12.39 -0.52 -0.58
C GLU D 69 -12.34 -1.26 -1.92
N PHE D 70 -13.29 -2.17 -2.11
CA PHE D 70 -13.32 -3.02 -3.29
C PHE D 70 -14.73 -3.08 -3.86
N THR D 71 -14.83 -3.67 -5.04
CA THR D 71 -16.10 -3.92 -5.72
C THR D 71 -16.26 -5.42 -5.88
N PRO D 72 -17.32 -6.02 -5.33
CA PRO D 72 -17.48 -7.47 -5.45
C PRO D 72 -17.99 -7.86 -6.83
N THR D 73 -17.29 -8.80 -7.45
CA THR D 73 -17.79 -9.56 -8.59
C THR D 73 -17.56 -11.03 -8.26
N GLU D 74 -18.56 -11.87 -8.52
CA GLU D 74 -18.42 -13.24 -8.06
C GLU D 74 -17.42 -14.05 -8.86
N LYS D 75 -16.98 -13.56 -10.03
CA LYS D 75 -15.91 -14.25 -10.75
C LYS D 75 -14.54 -13.64 -10.43
N ASP D 76 -14.47 -12.68 -9.52
CA ASP D 76 -13.24 -12.25 -8.89
C ASP D 76 -13.18 -12.84 -7.49
N GLU D 77 -12.05 -13.48 -7.16
CA GLU D 77 -11.87 -14.10 -5.86
C GLU D 77 -10.87 -13.31 -5.03
N TYR D 78 -11.19 -13.13 -3.74
CA TYR D 78 -10.37 -12.35 -2.83
C TYR D 78 -9.95 -13.23 -1.65
N ALA D 79 -8.76 -12.94 -1.12
CA ALA D 79 -8.24 -13.76 -0.04
C ALA D 79 -7.37 -12.91 0.88
N CYS D 80 -7.02 -13.50 2.02
CA CYS D 80 -6.08 -12.91 2.97
C CYS D 80 -4.88 -13.83 3.09
N ARG D 81 -3.68 -13.25 2.97
CA ARG D 81 -2.44 -13.99 3.13
C ARG D 81 -1.69 -13.38 4.30
N VAL D 82 -1.50 -14.16 5.35
CA VAL D 82 -0.86 -13.73 6.59
C VAL D 82 0.37 -14.59 6.83
N ASN D 83 1.49 -13.95 7.15
CA ASN D 83 2.73 -14.62 7.50
C ASN D 83 3.18 -14.12 8.87
N HIS D 84 3.23 -15.04 9.83
CA HIS D 84 3.68 -14.79 11.19
C HIS D 84 4.88 -15.68 11.48
N VAL D 85 5.53 -15.42 12.62
CA VAL D 85 6.67 -16.24 13.00
C VAL D 85 6.23 -17.64 13.43
N THR D 86 4.96 -17.79 13.85
CA THR D 86 4.45 -19.10 14.23
C THR D 86 4.16 -19.99 13.04
N LEU D 87 4.15 -19.46 11.82
CA LEU D 87 3.82 -20.22 10.63
C LEU D 87 5.08 -20.56 9.86
N SER D 88 5.23 -21.83 9.48
CA SER D 88 6.36 -22.27 8.68
C SER D 88 6.22 -21.88 7.21
N GLN D 89 5.02 -21.54 6.78
CA GLN D 89 4.73 -21.06 5.44
C GLN D 89 3.48 -20.21 5.51
N PRO D 90 3.34 -19.21 4.64
CA PRO D 90 2.22 -18.27 4.78
C PRO D 90 0.86 -18.97 4.74
N LYS D 91 -0.08 -18.41 5.49
CA LYS D 91 -1.44 -18.92 5.61
C LYS D 91 -2.37 -18.08 4.74
N ILE D 92 -3.12 -18.73 3.85
CA ILE D 92 -4.05 -18.04 2.97
C ILE D 92 -5.46 -18.52 3.29
N VAL D 93 -6.36 -17.56 3.53
CA VAL D 93 -7.76 -17.82 3.78
C VAL D 93 -8.53 -17.11 2.67
N LYS D 94 -9.11 -17.88 1.76
CA LYS D 94 -9.96 -17.31 0.73
C LYS D 94 -11.22 -16.72 1.36
N TRP D 95 -11.72 -15.65 0.75
CA TRP D 95 -12.92 -14.99 1.27
C TRP D 95 -14.15 -15.78 0.87
N ASP D 96 -14.92 -16.22 1.87
CA ASP D 96 -16.26 -16.75 1.65
C ASP D 96 -17.26 -15.64 1.99
N ARG D 97 -18.28 -15.51 1.14
CA ARG D 97 -19.28 -14.47 1.36
C ARG D 97 -20.05 -14.73 2.65
N ASP D 98 -20.50 -15.96 2.85
CA ASP D 98 -21.32 -16.31 4.01
C ASP D 98 -20.48 -16.75 5.21
N MET D 99 -19.16 -16.65 5.14
CA MET D 99 -18.30 -16.90 6.30
C MET D 99 -17.80 -15.58 6.87
N LYS E 1 -7.69 11.55 29.55
CA LYS E 1 -6.36 12.13 29.41
C LYS E 1 -5.29 11.19 29.96
N ARG E 2 -4.06 11.36 29.48
CA ARG E 2 -2.97 10.42 29.76
C ARG E 2 -2.29 10.73 31.09
N TRP E 3 -1.93 9.68 31.81
CA TRP E 3 -1.06 9.76 32.96
C TRP E 3 0.39 9.66 32.52
N ILE E 4 1.29 10.14 33.37
CA ILE E 4 2.71 10.09 33.06
C ILE E 4 3.49 9.88 34.36
N ILE E 5 4.41 8.90 34.32
CA ILE E 5 5.22 8.62 35.50
C ILE E 5 6.13 9.82 35.79
N LEU E 6 6.48 9.98 37.06
CA LEU E 6 7.33 11.07 37.51
C LEU E 6 8.80 10.67 37.37
N GLY E 7 9.53 11.42 36.56
CA GLY E 7 10.95 11.14 36.35
C GLY E 7 11.62 12.22 35.51
N LYS F 1 -7.08 11.65 -29.82
CA LYS F 1 -7.99 10.54 -29.54
C LYS F 1 -7.43 9.20 -30.03
N ARG F 2 -7.99 8.11 -29.52
CA ARG F 2 -7.51 6.78 -29.87
C ARG F 2 -8.06 6.31 -31.20
N TRP F 3 -7.35 5.38 -31.82
CA TRP F 3 -7.78 4.68 -33.01
C TRP F 3 -8.23 3.27 -32.66
N ILE F 4 -9.07 2.69 -33.50
CA ILE F 4 -9.59 1.35 -33.27
C ILE F 4 -9.68 0.62 -34.60
N ILE F 5 -9.07 -0.57 -34.67
CA ILE F 5 -9.08 -1.34 -35.90
C ILE F 5 -10.50 -1.72 -36.26
N LEU F 6 -10.72 -1.95 -37.55
CA LEU F 6 -12.03 -2.37 -38.02
C LEU F 6 -12.28 -3.84 -37.71
N GLY F 7 -13.55 -4.16 -37.46
CA GLY F 7 -13.95 -5.51 -37.11
C GLY F 7 -15.27 -5.52 -36.35
#